data_8R9B
#
_entry.id   8R9B
#
_cell.length_a   76.140
_cell.length_b   180.285
_cell.length_c   76.335
_cell.angle_alpha   90.00
_cell.angle_beta   117.85
_cell.angle_gamma   90.00
#
_symmetry.space_group_name_H-M   'P 1 21 1'
#
loop_
_entity.id
_entity.type
_entity.pdbx_description
1 polymer 'Cyclin-dependent kinase 7'
2 non-polymer 'PHOSPHOAMINOPHOSPHONIC ACID-ADENYLATE ESTER'
3 non-polymer 'MAGNESIUM ION'
4 non-polymer GLYCEROL
5 water water
#
_entity_poly.entity_id   1
_entity_poly.type   'polypeptide(L)'
_entity_poly.pdbx_seq_one_letter_code
;IMSYYHHHHHHDYDIPTTENLYFQGSMALDVKSRAKRYEKLDFLGEGQFATVYKARDKNTNQIVAIKKIKLGHRSEAKDG
INRTALREIKLLQELSHPNIIGLLDAFGHKSNISLVFDFMETDLEVIIKDNSLVLTPSHIKAYMLMTLQGLEYLHQHWIL
HRDLKPNNLLLDENGVLKLADFGLAKSFGDPNRAYEHQVVTRWYRAPELLFGARMYGVGVDMWAVGCILAELLLRVPFLP
GDSDLDQLTRIFETLGTPTEEQWPDMCSLPDYVTFKSFPGIPLHHIFSAAGDDLLDLIQGLFLFNPCARITATQALKMKY
FSNRPGPTPGCQLPRPNCPVETLKEQSNPALA
;
_entity_poly.pdbx_strand_id   A,B,C,D
#
loop_
_chem_comp.id
_chem_comp.type
_chem_comp.name
_chem_comp.formula
ANP non-polymer 'PHOSPHOAMINOPHOSPHONIC ACID-ADENYLATE ESTER' 'C10 H17 N6 O12 P3'
GOL non-polymer GLYCEROL 'C3 H8 O3'
MG non-polymer 'MAGNESIUM ION' 'Mg 2'
#
# COMPACT_ATOMS: atom_id res chain seq x y z
N MET A 27 44.75 -34.90 31.31
CA MET A 27 45.37 -36.23 31.05
C MET A 27 46.48 -36.04 30.04
N ALA A 28 47.52 -36.84 30.17
CA ALA A 28 48.59 -36.79 29.22
C ALA A 28 48.10 -37.40 27.90
N LEU A 29 47.25 -38.43 27.98
CA LEU A 29 46.94 -39.27 26.83
C LEU A 29 45.64 -38.82 26.14
N ASP A 30 44.95 -37.83 26.71
CA ASP A 30 43.70 -37.32 26.08
C ASP A 30 43.76 -35.86 25.58
N VAL A 31 44.80 -35.15 26.03
CA VAL A 31 45.19 -33.85 25.48
C VAL A 31 46.52 -34.04 24.73
N LYS A 32 46.61 -33.42 23.55
CA LYS A 32 47.89 -33.28 22.86
C LYS A 32 48.74 -32.33 23.68
N SER A 33 50.01 -32.64 23.92
CA SER A 33 50.87 -31.71 24.64
C SER A 33 51.19 -30.48 23.78
N ARG A 34 51.60 -30.69 22.53
CA ARG A 34 51.96 -29.58 21.63
C ARG A 34 50.94 -29.43 20.49
N ALA A 35 50.81 -28.21 19.96
CA ALA A 35 50.10 -27.97 18.70
C ALA A 35 50.82 -26.85 17.97
N LYS A 36 51.75 -27.20 17.09
CA LYS A 36 52.66 -26.20 16.51
C LYS A 36 51.93 -25.42 15.42
N ARG A 37 50.85 -25.99 14.90
CA ARG A 37 50.07 -25.36 13.85
C ARG A 37 49.58 -23.96 14.28
N TYR A 38 49.37 -23.63 15.57
CA TYR A 38 48.90 -22.27 15.93
C TYR A 38 50.10 -21.33 16.11
N GLU A 39 49.97 -20.10 15.62
CA GLU A 39 51.03 -19.09 15.80
C GLU A 39 50.35 -17.81 16.30
N LYS A 40 50.81 -17.34 17.43
CA LYS A 40 50.24 -16.18 18.11
C LYS A 40 50.38 -14.97 17.18
N LEU A 41 49.41 -14.06 17.26
CA LEU A 41 49.48 -12.79 16.54
C LEU A 41 49.58 -11.64 17.55
N ASP A 42 48.56 -11.53 18.40
CA ASP A 42 48.40 -10.39 19.28
C ASP A 42 47.49 -10.81 20.44
N PHE A 43 47.81 -10.30 21.62
CA PHE A 43 47.01 -10.50 22.82
C PHE A 43 45.63 -9.85 22.63
N LEU A 44 44.56 -10.56 23.00
CA LEU A 44 43.17 -10.01 22.94
C LEU A 44 42.74 -9.44 24.31
N GLY A 45 42.69 -10.25 25.35
CA GLY A 45 42.43 -9.69 26.67
C GLY A 45 42.36 -10.76 27.74
N GLU A 46 42.33 -10.31 29.00
CA GLU A 46 42.23 -11.15 30.20
C GLU A 46 40.74 -11.38 30.54
N GLY A 47 40.38 -12.65 30.70
CA GLY A 47 39.10 -13.07 31.27
C GLY A 47 39.30 -13.58 32.68
N GLN A 48 38.23 -14.07 33.33
CA GLN A 48 38.28 -14.48 34.77
C GLN A 48 39.21 -15.69 34.96
N PHE A 49 39.15 -16.64 34.05
CA PHE A 49 39.89 -17.85 34.22
C PHE A 49 40.90 -18.06 33.07
N ALA A 50 40.96 -17.17 32.09
CA ALA A 50 41.90 -17.38 31.00
C ALA A 50 42.45 -16.05 30.47
N THR A 51 43.63 -16.18 29.87
CA THR A 51 44.25 -15.21 29.00
C THR A 51 43.90 -15.60 27.56
N VAL A 52 43.28 -14.71 26.78
CA VAL A 52 42.92 -15.04 25.38
C VAL A 52 43.84 -14.28 24.43
N TYR A 53 44.15 -14.90 23.29
CA TYR A 53 44.95 -14.23 22.31
C TYR A 53 44.56 -14.68 20.92
N LYS A 54 45.05 -13.93 19.95
CA LYS A 54 44.73 -14.11 18.56
C LYS A 54 45.82 -14.95 17.92
N ALA A 55 45.39 -15.89 17.08
CA ALA A 55 46.36 -16.71 16.40
C ALA A 55 45.86 -17.07 14.99
N ARG A 56 46.82 -17.44 14.18
CA ARG A 56 46.55 -18.02 12.89
C ARG A 56 46.86 -19.52 12.95
N ASP A 57 45.90 -20.30 12.50
CA ASP A 57 46.13 -21.66 12.20
C ASP A 57 46.96 -21.72 10.91
N LYS A 58 48.25 -22.08 11.00
CA LYS A 58 49.15 -22.35 9.85
C LYS A 58 48.61 -23.47 8.95
N ASN A 59 47.74 -24.32 9.48
CA ASN A 59 47.20 -25.45 8.74
C ASN A 59 46.16 -25.01 7.71
N THR A 60 45.34 -23.96 7.98
CA THR A 60 44.22 -23.54 7.10
C THR A 60 44.24 -22.04 6.76
N ASN A 61 45.27 -21.29 7.17
CA ASN A 61 45.31 -19.81 7.11
C ASN A 61 44.12 -19.16 7.85
N GLN A 62 43.29 -19.89 8.61
CA GLN A 62 42.14 -19.26 9.31
C GLN A 62 42.59 -18.53 10.59
N ILE A 63 41.71 -17.70 11.12
CA ILE A 63 42.01 -16.97 12.36
C ILE A 63 41.22 -17.58 13.51
N VAL A 64 41.85 -17.63 14.66
CA VAL A 64 41.28 -18.31 15.81
C VAL A 64 41.58 -17.51 17.09
N ALA A 65 40.81 -17.78 18.13
CA ALA A 65 41.12 -17.29 19.45
C ALA A 65 41.43 -18.47 20.34
N ILE A 66 42.55 -18.38 21.05
CA ILE A 66 42.99 -19.40 21.95
C ILE A 66 42.91 -18.88 23.39
N LYS A 67 42.06 -19.51 24.21
CA LYS A 67 42.01 -19.27 25.67
C LYS A 67 43.06 -20.12 26.40
N LYS A 68 44.01 -19.50 27.09
CA LYS A 68 45.10 -20.19 27.82
C LYS A 68 44.72 -20.30 29.30
N ILE A 69 44.68 -21.50 29.85
CA ILE A 69 44.08 -21.72 31.18
C ILE A 69 45.13 -22.36 32.08
N LYS A 70 45.31 -21.83 33.28
CA LYS A 70 46.28 -22.38 34.23
C LYS A 70 45.59 -23.44 35.09
N LEU A 71 46.26 -24.59 35.30
CA LEU A 71 45.91 -25.58 36.35
C LEU A 71 46.94 -25.49 37.49
N ASN A 82 38.28 -33.35 36.52
CA ASN A 82 39.26 -33.31 35.41
C ASN A 82 38.94 -34.42 34.40
N ARG A 83 38.41 -35.55 34.83
CA ARG A 83 37.78 -36.48 33.88
C ARG A 83 36.53 -35.80 33.31
N THR A 84 35.80 -35.09 34.17
CA THR A 84 34.57 -34.39 33.76
C THR A 84 34.91 -33.23 32.83
N ALA A 85 36.02 -32.54 33.10
CA ALA A 85 36.43 -31.35 32.34
C ALA A 85 36.69 -31.74 30.88
N LEU A 86 37.41 -32.83 30.69
CA LEU A 86 37.72 -33.36 29.38
C LEU A 86 36.43 -33.77 28.67
N ARG A 87 35.52 -34.48 29.33
CA ARG A 87 34.22 -34.81 28.74
C ARG A 87 33.50 -33.54 28.26
N GLU A 88 33.59 -32.44 29.03
CA GLU A 88 32.88 -31.19 28.68
C GLU A 88 33.52 -30.57 27.43
N ILE A 89 34.85 -30.53 27.36
CA ILE A 89 35.57 -30.10 26.18
C ILE A 89 35.16 -30.96 24.98
N LYS A 90 35.14 -32.28 25.13
CA LYS A 90 34.86 -33.14 23.99
C LYS A 90 33.42 -32.87 23.54
N LEU A 91 32.47 -32.78 24.46
CA LEU A 91 31.10 -32.58 24.08
C LEU A 91 30.96 -31.31 23.22
N LEU A 92 31.52 -30.21 23.66
CA LEU A 92 31.28 -28.93 22.98
C LEU A 92 31.98 -28.90 21.60
N GLN A 93 33.07 -29.64 21.41
CA GLN A 93 33.63 -29.89 20.04
C GLN A 93 32.57 -30.57 19.16
N GLU A 94 31.90 -31.61 19.67
CA GLU A 94 30.95 -32.45 18.89
C GLU A 94 29.69 -31.66 18.49
N LEU A 95 29.41 -30.55 19.16
CA LEU A 95 28.25 -29.74 18.80
C LEU A 95 28.51 -29.06 17.46
N SER A 96 27.42 -28.84 16.71
CA SER A 96 27.45 -28.16 15.41
C SER A 96 26.14 -27.38 15.17
N HIS A 97 26.25 -26.06 15.25
CA HIS A 97 25.11 -25.21 15.02
C HIS A 97 25.58 -23.79 14.70
N PRO A 98 24.95 -23.16 13.72
CA PRO A 98 25.38 -21.84 13.31
C PRO A 98 25.58 -20.83 14.44
N ASN A 99 24.76 -20.96 15.50
CA ASN A 99 24.76 -19.98 16.59
C ASN A 99 25.39 -20.57 17.86
N ILE A 100 26.22 -21.61 17.72
CA ILE A 100 27.04 -22.11 18.79
C ILE A 100 28.50 -21.96 18.37
N ILE A 101 29.35 -21.50 19.26
CA ILE A 101 30.73 -21.25 18.93
C ILE A 101 31.39 -22.59 18.55
N GLY A 102 32.36 -22.51 17.64
CA GLY A 102 33.18 -23.66 17.33
C GLY A 102 34.33 -23.78 18.31
N LEU A 103 34.37 -24.88 19.06
CA LEU A 103 35.57 -25.23 19.78
C LEU A 103 36.34 -26.20 18.87
N LEU A 104 37.48 -25.77 18.32
CA LEU A 104 38.15 -26.42 17.16
C LEU A 104 39.21 -27.40 17.63
N ASP A 105 39.84 -27.11 18.77
CA ASP A 105 40.93 -27.94 19.27
C ASP A 105 41.21 -27.71 20.76
N ALA A 106 41.98 -28.63 21.35
CA ALA A 106 42.47 -28.46 22.72
C ALA A 106 43.88 -29.04 22.84
N PHE A 107 44.77 -28.30 23.47
CA PHE A 107 46.13 -28.78 23.64
C PHE A 107 46.75 -28.16 24.90
N GLY A 108 47.77 -28.80 25.45
CA GLY A 108 48.38 -28.38 26.71
C GLY A 108 49.14 -29.51 27.38
N HIS A 109 50.15 -29.16 28.15
CA HIS A 109 51.02 -30.14 28.77
C HIS A 109 50.60 -30.37 30.23
N LYS A 110 51.15 -29.61 31.18
CA LYS A 110 51.06 -30.00 32.60
C LYS A 110 50.18 -29.02 33.38
N SER A 111 50.69 -27.81 33.59
CA SER A 111 49.97 -26.83 34.40
C SER A 111 49.06 -25.97 33.52
N ASN A 112 49.01 -26.22 32.20
CA ASN A 112 48.22 -25.38 31.27
C ASN A 112 47.43 -26.23 30.27
N ILE A 113 46.31 -25.68 29.84
CA ILE A 113 45.60 -26.23 28.71
C ILE A 113 45.04 -25.07 27.89
N SER A 114 45.02 -25.23 26.58
CA SER A 114 44.60 -24.17 25.69
C SER A 114 43.44 -24.65 24.80
N LEU A 115 42.42 -23.81 24.72
CA LEU A 115 41.20 -24.08 23.95
C LEU A 115 41.15 -23.15 22.74
N VAL A 116 40.90 -23.75 21.59
CA VAL A 116 40.97 -23.06 20.33
C VAL A 116 39.54 -22.82 19.84
N PHE A 117 39.13 -21.56 19.74
CA PHE A 117 37.81 -21.25 19.23
C PHE A 117 37.87 -20.50 17.90
N ASP A 118 36.73 -20.52 17.18
CA ASP A 118 36.45 -19.57 16.11
C ASP A 118 36.78 -18.17 16.59
N PHE A 119 37.52 -17.38 15.84
CA PHE A 119 37.71 -15.96 16.18
C PHE A 119 36.46 -15.16 15.83
N MET A 120 35.99 -14.36 16.80
CA MET A 120 34.78 -13.59 16.68
C MET A 120 35.08 -12.09 16.84
N GLU A 121 34.52 -11.28 15.97
CA GLU A 121 34.91 -9.88 15.87
C GLU A 121 34.53 -9.11 17.14
N THR A 122 33.30 -9.31 17.65
CA THR A 122 32.80 -8.52 18.70
C THR A 122 31.81 -9.36 19.51
N ASP A 123 31.08 -8.70 20.38
CA ASP A 123 30.04 -9.33 21.17
C ASP A 123 28.87 -8.36 21.47
N LEU A 124 27.83 -8.90 22.03
CA LEU A 124 26.69 -8.09 22.39
C LEU A 124 27.04 -7.07 23.47
N GLU A 125 27.99 -7.36 24.37
CA GLU A 125 28.33 -6.39 25.38
C GLU A 125 28.93 -5.14 24.73
N VAL A 126 29.92 -5.25 23.84
CA VAL A 126 30.46 -4.00 23.24
C VAL A 126 29.39 -3.35 22.35
N ILE A 127 28.58 -4.14 21.62
CA ILE A 127 27.45 -3.58 20.85
C ILE A 127 26.56 -2.75 21.79
N ILE A 128 26.19 -3.30 22.95
CA ILE A 128 25.22 -2.63 23.85
C ILE A 128 25.80 -1.30 24.36
N LYS A 129 27.09 -1.32 24.67
CA LYS A 129 27.75 -0.22 25.36
C LYS A 129 28.18 0.87 24.38
N ASP A 130 28.07 0.63 23.08
CA ASP A 130 28.56 1.60 22.06
C ASP A 130 27.48 2.62 21.73
N ASN A 131 27.73 3.88 22.11
CA ASN A 131 26.78 4.98 22.00
C ASN A 131 26.56 5.39 20.54
N SER A 132 27.56 5.13 19.69
CA SER A 132 27.40 5.42 18.28
C SER A 132 26.37 4.45 17.64
N LEU A 133 26.02 3.30 18.24
CA LEU A 133 25.10 2.34 17.56
C LEU A 133 23.67 2.53 18.04
N VAL A 134 22.77 2.55 17.06
CA VAL A 134 21.34 2.66 17.23
C VAL A 134 20.78 1.26 17.14
N LEU A 135 19.90 0.89 18.06
CA LEU A 135 19.37 -0.45 18.09
C LEU A 135 17.88 -0.42 17.70
N THR A 136 17.59 -0.74 16.45
CA THR A 136 16.22 -0.81 16.00
C THR A 136 15.51 -2.05 16.54
N PRO A 137 14.17 -2.06 16.49
CA PRO A 137 13.41 -3.28 16.77
C PRO A 137 13.90 -4.46 15.91
N SER A 138 14.17 -4.22 14.63
CA SER A 138 14.64 -5.28 13.76
C SER A 138 16.03 -5.76 14.19
N HIS A 139 16.91 -4.84 14.61
CA HIS A 139 18.21 -5.28 15.11
C HIS A 139 18.02 -6.22 16.30
N ILE A 140 17.18 -5.79 17.24
CA ILE A 140 16.98 -6.55 18.51
C ILE A 140 16.31 -7.90 18.21
N LYS A 141 15.28 -7.90 17.38
CA LYS A 141 14.64 -9.18 17.01
C LYS A 141 15.67 -10.17 16.45
N ALA A 142 16.61 -9.71 15.60
CA ALA A 142 17.65 -10.60 14.98
C ALA A 142 18.57 -11.22 16.04
N TYR A 143 19.10 -10.38 16.93
CA TYR A 143 19.99 -10.85 18.00
C TYR A 143 19.27 -11.93 18.85
N MET A 144 18.02 -11.65 19.26
CA MET A 144 17.17 -12.59 19.99
C MET A 144 16.91 -13.88 19.20
N LEU A 145 16.64 -13.76 17.90
CA LEU A 145 16.29 -14.92 17.08
C LEU A 145 17.46 -15.90 17.09
N MET A 146 18.61 -15.35 16.79
CA MET A 146 19.82 -16.15 16.76
C MET A 146 20.14 -16.72 18.15
N THR A 147 19.90 -15.95 19.21
CA THR A 147 20.27 -16.46 20.54
C THR A 147 19.41 -17.69 20.86
N LEU A 148 18.11 -17.55 20.60
CA LEU A 148 17.14 -18.53 20.97
C LEU A 148 17.27 -19.78 20.11
N GLN A 149 17.71 -19.63 18.85
CA GLN A 149 17.94 -20.79 17.99
C GLN A 149 19.16 -21.56 18.52
N GLY A 150 20.21 -20.84 18.95
CA GLY A 150 21.31 -21.47 19.69
C GLY A 150 20.80 -22.23 20.89
N LEU A 151 20.09 -21.57 21.77
CA LEU A 151 19.65 -22.23 23.01
C LEU A 151 18.80 -23.46 22.71
N GLU A 152 17.93 -23.32 21.73
CA GLU A 152 16.99 -24.37 21.40
C GLU A 152 17.76 -25.64 21.10
N TYR A 153 18.87 -25.48 20.38
CA TYR A 153 19.68 -26.62 19.97
C TYR A 153 20.37 -27.22 21.20
N LEU A 154 20.98 -26.35 21.98
CA LEU A 154 21.61 -26.78 23.23
C LEU A 154 20.63 -27.54 24.10
N HIS A 155 19.49 -26.92 24.36
CA HIS A 155 18.53 -27.52 25.26
C HIS A 155 17.92 -28.79 24.66
N GLN A 156 17.84 -28.86 23.33
CA GLN A 156 17.43 -30.06 22.64
C GLN A 156 18.49 -31.14 22.90
N HIS A 157 19.78 -30.80 22.88
CA HIS A 157 20.84 -31.82 23.15
C HIS A 157 21.12 -31.97 24.65
N TRP A 158 20.15 -31.62 25.52
CA TRP A 158 20.22 -31.90 26.95
C TRP A 158 21.39 -31.16 27.59
N ILE A 159 21.59 -29.89 27.25
CA ILE A 159 22.75 -29.15 27.75
C ILE A 159 22.29 -27.75 28.13
N LEU A 160 22.73 -27.32 29.30
CA LEU A 160 22.43 -26.00 29.79
C LEU A 160 23.67 -25.11 29.58
N HIS A 161 23.46 -23.89 29.06
CA HIS A 161 24.56 -22.98 28.93
C HIS A 161 25.11 -22.58 30.30
N ARG A 162 24.26 -22.07 31.18
CA ARG A 162 24.63 -21.74 32.58
C ARG A 162 25.49 -20.47 32.69
N ASP A 163 25.81 -19.80 31.60
CA ASP A 163 26.64 -18.63 31.69
C ASP A 163 26.30 -17.59 30.62
N LEU A 164 24.99 -17.44 30.36
CA LEU A 164 24.57 -16.46 29.34
C LEU A 164 24.67 -15.06 29.91
N LYS A 165 25.30 -14.20 29.14
CA LYS A 165 25.36 -12.77 29.38
C LYS A 165 25.90 -12.13 28.09
N PRO A 166 25.76 -10.81 27.94
CA PRO A 166 26.11 -10.20 26.66
C PRO A 166 27.51 -10.58 26.14
N ASN A 167 28.53 -10.58 26.99
CA ASN A 167 29.89 -10.78 26.49
C ASN A 167 30.10 -12.26 26.09
N ASN A 168 29.12 -13.14 26.34
CA ASN A 168 29.22 -14.52 25.88
C ASN A 168 28.28 -14.77 24.71
N LEU A 169 27.78 -13.71 24.09
CA LEU A 169 27.05 -13.78 22.82
C LEU A 169 27.92 -13.09 21.79
N LEU A 170 28.64 -13.91 21.01
CA LEU A 170 29.70 -13.40 20.12
C LEU A 170 29.12 -13.25 18.72
N LEU A 171 29.76 -12.36 17.98
CA LEU A 171 29.29 -11.85 16.72
C LEU A 171 30.43 -11.85 15.72
N ASP A 172 30.24 -12.54 14.59
CA ASP A 172 31.29 -12.57 13.57
C ASP A 172 31.17 -11.36 12.64
N GLU A 173 32.06 -11.24 11.65
CA GLU A 173 32.05 -10.03 10.77
C GLU A 173 30.78 -10.00 9.91
N ASN A 174 30.07 -11.11 9.82
CA ASN A 174 28.91 -11.22 8.92
C ASN A 174 27.61 -11.27 9.69
N GLY A 175 27.65 -10.94 10.98
CA GLY A 175 26.44 -10.69 11.76
C GLY A 175 25.77 -11.96 12.26
N VAL A 176 26.57 -13.02 12.43
CA VAL A 176 26.10 -14.25 13.01
C VAL A 176 26.48 -14.25 14.49
N LEU A 177 25.46 -14.38 15.33
CA LEU A 177 25.65 -14.49 16.75
C LEU A 177 25.88 -15.96 17.13
N LYS A 178 26.85 -16.17 18.03
CA LYS A 178 27.16 -17.49 18.59
C LYS A 178 27.23 -17.45 20.13
N LEU A 179 26.52 -18.38 20.78
CA LEU A 179 26.69 -18.68 22.16
C LEU A 179 28.09 -19.26 22.36
N ALA A 180 28.78 -18.80 23.39
CA ALA A 180 30.18 -19.09 23.53
C ALA A 180 30.49 -19.46 24.97
N ASP A 181 31.76 -19.74 25.22
CA ASP A 181 32.33 -19.79 26.60
C ASP A 181 31.96 -21.06 27.41
N PHE A 182 30.66 -21.20 27.75
CA PHE A 182 30.04 -22.34 28.54
C PHE A 182 30.61 -22.54 29.96
N GLY A 183 31.31 -21.56 30.47
CA GLY A 183 32.05 -21.68 31.73
C GLY A 183 33.04 -22.82 31.70
N LEU A 184 33.64 -23.15 30.56
CA LEU A 184 34.58 -24.28 30.53
C LEU A 184 35.78 -23.99 31.43
N ALA A 185 36.28 -22.77 31.37
CA ALA A 185 37.49 -22.36 32.08
C ALA A 185 37.19 -22.29 33.57
N LYS A 186 36.03 -21.75 33.90
CA LYS A 186 35.60 -21.71 35.29
C LYS A 186 35.65 -23.14 35.85
N SER A 187 34.96 -24.03 35.16
CA SER A 187 34.80 -25.46 35.46
C SER A 187 36.09 -26.09 36.01
N PHE A 188 37.29 -25.77 35.52
CA PHE A 188 38.52 -26.48 35.98
C PHE A 188 39.75 -25.57 36.06
N GLY A 189 39.58 -24.27 35.96
CA GLY A 189 40.75 -23.41 35.87
C GLY A 189 41.04 -22.75 37.19
N ASP A 190 42.31 -22.43 37.39
CA ASP A 190 42.77 -21.51 38.45
C ASP A 190 42.37 -20.08 38.04
N PRO A 191 42.02 -19.23 39.02
CA PRO A 191 41.51 -17.92 38.63
C PRO A 191 42.63 -17.06 38.00
N ASN A 192 42.21 -16.12 37.15
CA ASN A 192 43.13 -15.23 36.43
C ASN A 192 43.50 -14.05 37.35
N ARG A 193 44.78 -13.99 37.72
CA ARG A 193 45.29 -13.03 38.71
C ARG A 193 45.34 -11.61 38.12
N ALA A 194 45.29 -11.49 36.78
CA ALA A 194 45.44 -10.21 36.06
C ALA A 194 44.07 -9.69 35.61
N TYR A 195 43.01 -10.40 35.98
CA TYR A 195 41.65 -9.99 35.64
C TYR A 195 41.26 -8.79 36.52
N GLU A 196 41.10 -7.63 35.88
CA GLU A 196 40.82 -6.39 36.60
C GLU A 196 39.35 -6.00 36.43
N HIS A 197 38.62 -6.69 35.55
CA HIS A 197 37.26 -6.25 35.14
C HIS A 197 36.22 -6.66 36.20
N GLN A 198 34.99 -6.15 36.03
CA GLN A 198 33.93 -6.34 37.03
C GLN A 198 33.25 -7.70 36.80
N VAL A 199 33.14 -8.50 37.86
CA VAL A 199 32.38 -9.78 37.83
C VAL A 199 30.87 -9.46 37.84
N VAL A 200 30.16 -9.81 36.75
CA VAL A 200 28.77 -9.35 36.55
C VAL A 200 27.77 -10.53 36.54
N THR A 201 28.20 -11.80 36.66
CA THR A 201 27.35 -13.00 36.39
C THR A 201 26.05 -13.01 37.23
N ARG A 202 26.06 -12.46 38.45
CA ARG A 202 24.88 -12.55 39.32
C ARG A 202 23.70 -11.75 38.72
N TRP A 203 23.99 -10.74 37.88
CA TRP A 203 22.97 -9.92 37.28
C TRP A 203 22.05 -10.73 36.38
N TYR A 204 22.54 -11.87 35.88
CA TYR A 204 21.80 -12.68 34.87
C TYR A 204 21.22 -13.94 35.56
N ARG A 205 21.37 -14.00 36.90
CA ARG A 205 21.14 -15.20 37.71
C ARG A 205 19.67 -15.30 38.15
N ALA A 206 19.06 -16.45 37.92
CA ALA A 206 17.64 -16.61 38.18
C ALA A 206 17.40 -16.71 39.68
N PRO A 207 16.19 -16.41 40.09
CA PRO A 207 15.93 -16.36 41.49
C PRO A 207 15.99 -17.74 42.17
N GLU A 208 15.69 -18.84 41.47
CA GLU A 208 15.73 -20.17 42.11
C GLU A 208 17.19 -20.45 42.47
N LEU A 209 18.12 -19.94 41.64
CA LEU A 209 19.53 -20.13 41.93
C LEU A 209 19.96 -19.22 43.10
N LEU A 210 19.49 -17.98 43.16
CA LEU A 210 19.87 -17.09 44.28
C LEU A 210 19.33 -17.62 45.62
N PHE A 211 18.20 -18.30 45.56
CA PHE A 211 17.60 -18.94 46.71
C PHE A 211 18.09 -20.39 46.92
N GLY A 212 19.09 -20.83 46.19
CA GLY A 212 19.87 -22.05 46.56
C GLY A 212 19.29 -23.36 46.03
N ALA A 213 18.56 -23.36 44.93
CA ALA A 213 17.97 -24.59 44.41
C ALA A 213 19.10 -25.52 43.97
N ARG A 214 18.98 -26.79 44.30
CA ARG A 214 20.01 -27.77 43.96
C ARG A 214 19.60 -28.44 42.63
N MET A 215 18.32 -28.55 42.35
CA MET A 215 17.86 -29.00 41.02
C MET A 215 17.37 -27.79 40.21
N TYR A 216 17.69 -27.75 38.93
CA TYR A 216 17.25 -26.66 38.07
C TYR A 216 17.31 -27.08 36.60
N GLY A 217 16.67 -26.30 35.72
CA GLY A 217 16.66 -26.60 34.27
C GLY A 217 16.69 -25.35 33.39
N VAL A 218 15.96 -25.43 32.28
CA VAL A 218 16.18 -24.53 31.12
C VAL A 218 15.84 -23.08 31.49
N GLY A 219 14.93 -22.95 32.45
CA GLY A 219 14.57 -21.67 33.15
C GLY A 219 15.78 -20.85 33.56
N VAL A 220 16.88 -21.54 33.88
CA VAL A 220 18.14 -20.88 34.21
C VAL A 220 18.63 -20.04 33.03
N ASP A 221 18.70 -20.66 31.85
CA ASP A 221 19.14 -19.94 30.66
C ASP A 221 18.04 -18.97 30.24
N MET A 222 16.77 -19.35 30.35
CA MET A 222 15.69 -18.46 29.83
C MET A 222 15.69 -17.14 30.60
N TRP A 223 15.91 -17.22 31.90
CA TRP A 223 15.96 -16.02 32.67
C TRP A 223 17.09 -15.12 32.19
N ALA A 224 18.26 -15.67 31.98
CA ALA A 224 19.37 -14.83 31.52
C ALA A 224 18.97 -14.17 30.20
N VAL A 225 18.37 -14.97 29.33
CA VAL A 225 17.97 -14.45 28.04
C VAL A 225 17.09 -13.22 28.22
N GLY A 226 16.09 -13.30 29.10
CA GLY A 226 15.29 -12.12 29.44
C GLY A 226 16.12 -10.93 29.92
N CYS A 227 17.13 -11.15 30.73
CA CYS A 227 17.90 -10.03 31.25
C CYS A 227 18.72 -9.41 30.12
N ILE A 228 19.10 -10.26 29.16
CA ILE A 228 19.87 -9.79 28.00
C ILE A 228 18.93 -8.95 27.11
N LEU A 229 17.72 -9.45 26.85
CA LEU A 229 16.73 -8.68 26.09
C LEU A 229 16.51 -7.30 26.75
N ALA A 230 16.33 -7.33 28.05
CA ALA A 230 16.11 -6.09 28.77
C ALA A 230 17.30 -5.15 28.55
N GLU A 231 18.51 -5.67 28.61
CA GLU A 231 19.74 -4.82 28.44
C GLU A 231 19.85 -4.28 27.00
N LEU A 232 19.41 -5.03 25.99
CA LEU A 232 19.31 -4.46 24.60
C LEU A 232 18.27 -3.34 24.48
N LEU A 233 17.15 -3.45 25.19
CA LEU A 233 16.08 -2.46 25.14
C LEU A 233 16.46 -1.23 25.98
N LEU A 234 17.17 -1.39 27.09
CA LEU A 234 17.48 -0.24 27.97
C LEU A 234 18.92 0.26 27.83
N ARG A 235 19.80 -0.50 27.19
CA ARG A 235 21.25 -0.14 26.99
C ARG A 235 22.00 -0.06 28.32
N VAL A 236 21.39 -0.54 29.39
CA VAL A 236 22.09 -0.73 30.66
C VAL A 236 21.54 -2.01 31.28
N PRO A 237 22.33 -2.62 32.17
CA PRO A 237 21.94 -3.83 32.89
C PRO A 237 20.56 -3.67 33.56
N PHE A 238 19.78 -4.70 33.49
CA PHE A 238 18.42 -4.60 33.95
C PHE A 238 18.41 -4.64 35.47
N LEU A 239 19.10 -5.60 36.08
CA LEU A 239 19.06 -5.83 37.55
C LEU A 239 20.49 -6.00 38.07
N PRO A 240 21.20 -4.87 38.16
CA PRO A 240 22.60 -4.89 38.56
C PRO A 240 22.83 -5.00 40.08
N GLY A 241 22.55 -6.15 40.66
CA GLY A 241 22.66 -6.28 42.13
C GLY A 241 24.12 -6.38 42.56
N ASP A 242 24.47 -5.88 43.74
CA ASP A 242 25.89 -5.90 44.16
C ASP A 242 26.20 -6.98 45.19
N SER A 243 25.19 -7.80 45.47
CA SER A 243 25.30 -8.95 46.36
C SER A 243 24.12 -9.87 46.04
N ASP A 244 24.06 -11.05 46.61
CA ASP A 244 22.94 -11.94 46.26
C ASP A 244 21.61 -11.43 46.88
N LEU A 245 21.64 -10.87 48.06
CA LEU A 245 20.40 -10.29 48.64
C LEU A 245 19.95 -9.06 47.84
N ASP A 246 20.88 -8.22 47.44
CA ASP A 246 20.48 -7.05 46.71
C ASP A 246 19.98 -7.48 45.31
N GLN A 247 20.46 -8.56 44.76
CA GLN A 247 19.97 -9.01 43.46
C GLN A 247 18.51 -9.44 43.59
N LEU A 248 18.19 -10.17 44.67
CA LEU A 248 16.82 -10.61 44.90
C LEU A 248 15.93 -9.40 45.21
N THR A 249 16.44 -8.49 46.02
CA THR A 249 15.72 -7.24 46.23
C THR A 249 15.39 -6.58 44.88
N ARG A 250 16.37 -6.38 44.02
CA ARG A 250 16.12 -5.71 42.76
C ARG A 250 15.10 -6.48 41.91
N ILE A 251 15.19 -7.80 41.93
CA ILE A 251 14.28 -8.61 41.12
C ILE A 251 12.85 -8.38 41.61
N PHE A 252 12.66 -8.40 42.91
CA PHE A 252 11.31 -8.28 43.44
C PHE A 252 10.82 -6.84 43.37
N GLU A 253 11.66 -5.83 43.55
CA GLU A 253 11.02 -4.50 43.45
C GLU A 253 10.68 -4.21 41.99
N THR A 254 11.41 -4.78 41.02
CA THR A 254 11.10 -4.54 39.62
C THR A 254 9.93 -5.43 39.15
N LEU A 255 9.96 -6.74 39.42
CA LEU A 255 8.99 -7.69 38.82
C LEU A 255 7.88 -8.05 39.83
N GLY A 256 8.02 -7.65 41.07
CA GLY A 256 6.99 -7.90 42.09
C GLY A 256 7.41 -9.04 43.01
N THR A 257 6.91 -9.03 44.24
CA THR A 257 7.20 -10.13 45.16
C THR A 257 6.23 -11.28 44.87
N PRO A 258 6.76 -12.46 44.54
CA PRO A 258 5.91 -13.57 44.14
C PRO A 258 5.28 -14.21 45.37
N THR A 259 4.24 -14.98 45.12
CA THR A 259 3.48 -15.71 46.13
C THR A 259 3.70 -17.21 45.87
N GLU A 260 3.36 -18.11 46.79
CA GLU A 260 3.52 -19.54 46.47
C GLU A 260 2.48 -19.94 45.39
N GLU A 261 1.44 -19.13 45.16
CA GLU A 261 0.55 -19.39 44.03
C GLU A 261 1.27 -19.15 42.69
N GLN A 262 1.93 -18.01 42.46
CA GLN A 262 2.73 -17.90 41.23
C GLN A 262 3.89 -18.92 41.25
N TRP A 263 4.35 -19.33 42.43
CA TRP A 263 5.58 -20.11 42.53
C TRP A 263 5.43 -21.19 43.62
N PRO A 264 4.83 -22.33 43.26
CA PRO A 264 4.56 -23.35 44.29
C PRO A 264 5.88 -23.83 44.89
N ASP A 265 5.92 -24.00 46.20
CA ASP A 265 7.12 -24.54 46.84
C ASP A 265 8.29 -23.54 46.97
N MET A 266 8.12 -22.30 46.53
CA MET A 266 9.13 -21.26 46.69
C MET A 266 9.74 -21.28 48.08
N CYS A 267 8.91 -21.34 49.11
CA CYS A 267 9.36 -21.20 50.51
C CYS A 267 10.09 -22.45 51.02
N SER A 268 10.16 -23.48 50.20
CA SER A 268 10.92 -24.67 50.56
C SER A 268 12.34 -24.63 49.96
N LEU A 269 12.65 -23.57 49.21
CA LEU A 269 13.97 -23.39 48.68
C LEU A 269 15.00 -23.34 49.80
N PRO A 270 16.19 -23.88 49.59
CA PRO A 270 17.19 -24.04 50.67
C PRO A 270 17.53 -22.69 51.32
N ASP A 271 17.89 -21.71 50.52
CA ASP A 271 18.27 -20.39 51.03
C ASP A 271 17.13 -19.39 50.87
N TYR A 272 15.89 -19.80 51.09
CA TYR A 272 14.74 -18.89 50.89
C TYR A 272 14.75 -17.86 52.02
N VAL A 273 14.38 -16.64 51.62
CA VAL A 273 14.34 -15.46 52.47
C VAL A 273 13.04 -14.68 52.18
N THR A 274 12.40 -14.20 53.23
CA THR A 274 11.21 -13.37 53.06
C THR A 274 11.66 -11.90 52.96
N PHE A 275 11.07 -11.22 51.99
CA PHE A 275 11.37 -9.82 51.72
C PHE A 275 10.10 -9.01 51.94
N LYS A 276 10.34 -7.72 52.22
CA LYS A 276 9.38 -6.67 52.01
C LYS A 276 8.56 -7.03 50.76
N SER A 277 7.25 -7.02 50.90
CA SER A 277 6.35 -7.25 49.77
C SER A 277 6.41 -6.04 48.81
N PHE A 278 6.62 -6.30 47.53
CA PHE A 278 6.78 -5.25 46.50
C PHE A 278 5.69 -5.49 45.43
N PRO A 279 5.09 -4.42 44.87
CA PRO A 279 4.04 -4.58 43.83
C PRO A 279 4.61 -4.79 42.42
N GLY A 280 5.80 -4.25 42.18
CA GLY A 280 6.41 -4.39 40.90
C GLY A 280 5.99 -3.26 39.99
N ILE A 281 6.77 -3.09 38.94
CA ILE A 281 6.58 -2.07 37.95
C ILE A 281 6.02 -2.75 36.71
N PRO A 282 4.90 -2.21 36.16
CA PRO A 282 4.31 -2.75 34.93
C PRO A 282 5.34 -2.77 33.80
N LEU A 283 5.35 -3.82 33.01
CA LEU A 283 6.44 -4.00 32.03
C LEU A 283 6.40 -2.88 30.99
N HIS A 284 5.17 -2.40 30.69
CA HIS A 284 5.02 -1.37 29.71
C HIS A 284 5.56 -0.04 30.20
N HIS A 285 5.68 0.17 31.51
N HIS A 285 5.68 0.17 31.52
CA HIS A 285 6.26 1.40 32.02
CA HIS A 285 6.31 1.40 32.05
C HIS A 285 7.79 1.27 31.95
C HIS A 285 7.83 1.27 31.94
N ILE A 286 8.34 0.05 32.03
CA ILE A 286 9.83 -0.19 31.98
C ILE A 286 10.32 -0.08 30.53
N PHE A 287 9.65 -0.83 29.67
CA PHE A 287 9.90 -0.93 28.26
C PHE A 287 8.86 -0.09 27.48
N SER A 288 9.07 1.22 27.47
CA SER A 288 8.06 2.16 27.07
C SER A 288 7.81 2.17 25.56
N ALA A 289 8.67 1.52 24.74
CA ALA A 289 8.46 1.45 23.29
C ALA A 289 8.01 0.06 22.79
N ALA A 290 7.84 -0.91 23.68
CA ALA A 290 7.57 -2.30 23.31
C ALA A 290 6.08 -2.48 23.00
N GLY A 291 5.79 -3.27 21.97
CA GLY A 291 4.42 -3.69 21.68
C GLY A 291 4.01 -4.88 22.51
N ASP A 292 2.72 -5.20 22.50
CA ASP A 292 2.19 -6.33 23.28
C ASP A 292 2.92 -7.62 22.97
N ASP A 293 3.34 -7.79 21.70
CA ASP A 293 4.04 -9.00 21.30
C ASP A 293 5.40 -9.21 22.07
N LEU A 294 6.21 -8.16 22.19
CA LEU A 294 7.51 -8.21 22.82
C LEU A 294 7.31 -8.30 24.34
N LEU A 295 6.31 -7.60 24.88
CA LEU A 295 6.06 -7.61 26.33
C LEU A 295 5.63 -9.01 26.74
N ASP A 296 4.82 -9.67 25.90
CA ASP A 296 4.45 -11.07 26.16
C ASP A 296 5.70 -11.98 26.27
N LEU A 297 6.71 -11.76 25.41
CA LEU A 297 7.93 -12.57 25.40
C LEU A 297 8.66 -12.32 26.72
N ILE A 298 8.86 -11.05 27.03
CA ILE A 298 9.54 -10.63 28.24
C ILE A 298 8.82 -11.19 29.47
N GLN A 299 7.48 -11.13 29.53
CA GLN A 299 6.79 -11.68 30.69
C GLN A 299 7.09 -13.18 30.76
N GLY A 300 7.05 -13.89 29.64
CA GLY A 300 7.28 -15.31 29.66
C GLY A 300 8.67 -15.69 30.13
N LEU A 301 9.64 -14.85 29.83
CA LEU A 301 11.00 -15.17 30.20
C LEU A 301 11.20 -14.91 31.70
N PHE A 302 10.38 -14.06 32.29
CA PHE A 302 10.57 -13.62 33.67
C PHE A 302 9.55 -14.22 34.63
N LEU A 303 8.81 -15.26 34.22
CA LEU A 303 7.90 -15.90 35.18
C LEU A 303 8.76 -16.49 36.31
N PHE A 304 8.32 -16.39 37.55
CA PHE A 304 9.11 -16.84 38.68
C PHE A 304 9.18 -18.36 38.72
N ASN A 305 8.04 -19.03 38.57
CA ASN A 305 8.01 -20.49 38.60
C ASN A 305 8.89 -21.01 37.47
N PRO A 306 10.00 -21.71 37.78
CA PRO A 306 10.87 -22.13 36.70
C PRO A 306 10.21 -23.18 35.79
N CYS A 307 9.18 -23.89 36.24
CA CYS A 307 8.40 -24.82 35.35
C CYS A 307 7.54 -24.06 34.35
N ALA A 308 7.12 -22.86 34.70
CA ALA A 308 6.22 -22.17 33.87
C ALA A 308 7.03 -21.27 32.90
N ARG A 309 8.25 -20.90 33.26
CA ARG A 309 9.06 -20.00 32.42
C ARG A 309 9.08 -20.51 30.98
N ILE A 310 8.86 -19.62 30.03
CA ILE A 310 8.78 -20.05 28.60
C ILE A 310 10.09 -20.76 28.17
N THR A 311 9.95 -21.85 27.40
CA THR A 311 11.11 -22.56 26.83
C THR A 311 11.60 -21.85 25.58
N ALA A 312 12.83 -22.15 25.15
CA ALA A 312 13.41 -21.64 23.89
C ALA A 312 12.54 -22.01 22.66
N THR A 313 12.08 -23.25 22.56
CA THR A 313 11.16 -23.55 21.48
C THR A 313 9.88 -22.70 21.57
N GLN A 314 9.27 -22.55 22.77
CA GLN A 314 8.01 -21.79 22.84
C GLN A 314 8.30 -20.33 22.50
N ALA A 315 9.42 -19.83 22.97
CA ALA A 315 9.74 -18.44 22.74
C ALA A 315 9.80 -18.16 21.24
N LEU A 316 10.37 -19.09 20.51
CA LEU A 316 10.57 -18.91 19.05
C LEU A 316 9.23 -18.99 18.32
N LYS A 317 8.23 -19.63 18.90
CA LYS A 317 6.93 -19.70 18.24
C LYS A 317 6.04 -18.50 18.58
N MET A 318 6.55 -17.51 19.31
CA MET A 318 5.71 -16.41 19.78
C MET A 318 5.44 -15.45 18.61
N LYS A 319 4.32 -14.75 18.67
CA LYS A 319 3.95 -13.82 17.62
C LYS A 319 5.09 -12.81 17.37
N TYR A 320 5.87 -12.48 18.40
CA TYR A 320 6.98 -11.54 18.27
C TYR A 320 7.84 -11.83 17.05
N PHE A 321 8.12 -13.09 16.73
CA PHE A 321 9.10 -13.41 15.67
C PHE A 321 8.42 -13.54 14.29
N SER A 322 7.10 -13.78 14.25
CA SER A 322 6.41 -13.79 12.92
C SER A 322 5.89 -12.39 12.57
N ASN A 323 5.88 -11.48 13.55
CA ASN A 323 5.38 -10.13 13.35
C ASN A 323 6.44 -9.29 12.66
N ARG A 324 5.96 -8.32 11.88
CA ARG A 324 6.79 -7.22 11.39
C ARG A 324 7.10 -6.31 12.58
N PRO A 325 8.17 -5.54 12.50
CA PRO A 325 9.12 -5.64 11.44
C PRO A 325 9.94 -6.91 11.62
N GLY A 326 10.44 -7.47 10.53
CA GLY A 326 11.23 -8.66 10.57
C GLY A 326 12.67 -8.36 10.98
N PRO A 327 13.41 -9.38 11.32
CA PRO A 327 14.74 -9.17 11.88
C PRO A 327 15.79 -8.79 10.82
N THR A 328 16.81 -8.05 11.27
CA THR A 328 17.78 -7.52 10.39
C THR A 328 18.70 -8.65 9.92
N PRO A 329 18.91 -8.75 8.62
CA PRO A 329 19.91 -9.70 8.13
C PRO A 329 21.33 -9.39 8.62
N GLY A 330 22.14 -10.40 8.77
CA GLY A 330 23.41 -10.27 9.47
C GLY A 330 24.27 -9.18 8.87
N CYS A 331 24.29 -9.08 7.56
CA CYS A 331 25.21 -8.18 6.90
C CYS A 331 24.86 -6.69 7.15
N GLN A 332 23.70 -6.38 7.76
CA GLN A 332 23.25 -4.98 8.00
C GLN A 332 23.20 -4.65 9.49
N LEU A 333 23.58 -5.59 10.35
CA LEU A 333 23.63 -5.34 11.81
C LEU A 333 24.83 -4.44 12.14
N PRO A 334 24.64 -3.53 13.09
CA PRO A 334 25.61 -2.47 13.30
C PRO A 334 26.91 -3.05 13.88
N ARG A 335 28.04 -2.65 13.31
CA ARG A 335 29.34 -3.11 13.72
C ARG A 335 30.05 -1.95 14.43
N PRO A 336 30.62 -2.20 15.62
CA PRO A 336 31.50 -1.24 16.28
C PRO A 336 32.82 -1.07 15.50
N ASN A 337 33.18 0.16 15.15
CA ASN A 337 34.37 0.40 14.31
C ASN A 337 35.55 0.81 15.20
N LEU B 29 -21.02 45.92 7.22
CA LEU B 29 -22.28 45.82 8.00
C LEU B 29 -22.44 44.44 8.62
N ASP B 30 -21.78 43.44 8.04
CA ASP B 30 -22.00 42.02 8.38
C ASP B 30 -20.90 41.49 9.34
N VAL B 31 -19.86 42.30 9.53
CA VAL B 31 -18.79 41.98 10.45
C VAL B 31 -18.38 43.27 11.17
N LYS B 32 -17.91 43.10 12.40
CA LYS B 32 -17.65 44.23 13.28
C LYS B 32 -16.43 44.99 12.76
N SER B 33 -16.51 46.33 12.71
CA SER B 33 -15.44 47.13 12.10
C SER B 33 -14.14 47.03 12.91
N ARG B 34 -14.18 47.28 14.23
CA ARG B 34 -12.97 47.16 15.06
C ARG B 34 -13.20 46.17 16.21
N ALA B 35 -12.10 45.68 16.76
CA ALA B 35 -12.12 44.99 18.04
C ALA B 35 -10.86 45.43 18.80
N LYS B 36 -11.00 46.47 19.60
CA LYS B 36 -9.86 47.13 20.24
C LYS B 36 -9.36 46.31 21.43
N ARG B 37 -9.88 45.10 21.62
CA ARG B 37 -9.48 44.24 22.73
C ARG B 37 -8.26 43.37 22.33
N TYR B 38 -8.00 43.20 21.04
CA TYR B 38 -6.79 42.50 20.62
C TYR B 38 -5.68 43.55 20.51
N GLU B 39 -4.61 43.28 21.23
CA GLU B 39 -3.43 44.09 21.25
C GLU B 39 -2.30 43.30 20.56
N LYS B 40 -1.79 43.80 19.43
CA LYS B 40 -0.68 43.15 18.71
C LYS B 40 0.59 43.20 19.58
N LEU B 41 1.32 42.10 19.51
CA LEU B 41 2.59 41.98 20.16
C LEU B 41 3.67 41.84 19.07
N ASP B 42 3.54 40.84 18.20
CA ASP B 42 4.69 40.46 17.44
C ASP B 42 4.32 39.87 16.11
N PHE B 43 5.06 40.24 15.07
CA PHE B 43 4.97 39.55 13.79
C PHE B 43 5.24 38.06 14.01
N LEU B 44 4.72 37.20 13.13
CA LEU B 44 4.89 35.75 13.27
C LEU B 44 5.33 35.13 11.93
N GLY B 45 4.62 35.41 10.85
CA GLY B 45 5.00 34.91 9.55
C GLY B 45 4.04 35.35 8.45
N GLU B 46 4.51 35.17 7.22
CA GLU B 46 3.68 35.23 6.06
C GLU B 46 3.28 33.80 5.73
N GLY B 47 2.01 33.64 5.44
CA GLY B 47 1.50 32.45 4.76
C GLY B 47 0.91 32.86 3.43
N GLN B 48 0.32 31.89 2.73
CA GLN B 48 0.01 32.08 1.31
C GLN B 48 -0.98 33.24 1.12
N PHE B 49 -2.08 33.30 1.90
CA PHE B 49 -3.14 34.34 1.75
C PHE B 49 -3.26 35.28 2.97
N ALA B 50 -2.27 35.32 3.87
CA ALA B 50 -2.42 36.04 5.14
C ALA B 50 -1.09 36.54 5.66
N THR B 51 -1.13 37.64 6.40
CA THR B 51 -0.03 38.05 7.26
C THR B 51 -0.42 37.70 8.70
N VAL B 52 0.29 36.81 9.40
CA VAL B 52 -0.15 36.37 10.74
C VAL B 52 0.62 37.12 11.85
N TYR B 53 -0.10 37.55 12.90
CA TYR B 53 0.43 38.31 14.04
C TYR B 53 0.09 37.58 15.34
N LYS B 54 0.96 37.70 16.34
CA LYS B 54 0.70 37.20 17.70
C LYS B 54 0.14 38.35 18.53
N ALA B 55 -0.78 38.08 19.46
CA ALA B 55 -1.46 39.21 20.16
C ALA B 55 -2.08 38.78 21.49
N ARG B 56 -2.46 39.78 22.29
CA ARG B 56 -3.10 39.61 23.58
C ARG B 56 -4.56 40.05 23.48
N ASP B 57 -5.46 39.16 23.90
CA ASP B 57 -6.86 39.50 24.21
C ASP B 57 -6.97 40.20 25.58
N LYS B 58 -6.96 41.53 25.60
CA LYS B 58 -7.16 42.35 26.82
C LYS B 58 -8.19 41.68 27.73
N ASN B 59 -9.29 41.18 27.14
CA ASN B 59 -10.54 40.88 27.88
C ASN B 59 -10.44 39.58 28.70
N THR B 60 -9.67 38.60 28.22
CA THR B 60 -9.55 37.30 28.87
C THR B 60 -8.11 37.02 29.32
N ASN B 61 -7.19 37.92 28.98
CA ASN B 61 -5.76 37.76 29.23
C ASN B 61 -5.14 36.68 28.35
N GLN B 62 -5.88 36.03 27.44
CA GLN B 62 -5.37 34.90 26.59
C GLN B 62 -4.43 35.45 25.50
N ILE B 63 -3.58 34.57 24.98
CA ILE B 63 -2.76 34.86 23.82
C ILE B 63 -3.51 34.32 22.61
N VAL B 64 -3.46 35.07 21.52
CA VAL B 64 -4.14 34.66 20.31
C VAL B 64 -3.26 34.90 19.09
N ALA B 65 -3.75 34.37 17.95
CA ALA B 65 -3.11 34.59 16.67
C ALA B 65 -4.12 35.22 15.71
N ILE B 66 -3.68 36.21 14.96
CA ILE B 66 -4.56 36.95 14.11
C ILE B 66 -4.04 36.84 12.67
N LYS B 67 -4.88 36.37 11.73
CA LYS B 67 -4.54 36.29 10.30
C LYS B 67 -5.10 37.51 9.57
N LYS B 68 -4.27 38.43 9.10
CA LYS B 68 -4.76 39.61 8.37
C LYS B 68 -4.74 39.33 6.86
N ILE B 69 -5.94 39.38 6.29
CA ILE B 69 -6.21 39.01 4.92
C ILE B 69 -6.65 40.25 4.14
N LYS B 70 -6.03 40.46 2.99
CA LYS B 70 -6.41 41.57 2.11
C LYS B 70 -7.52 41.07 1.17
N LEU B 71 -8.42 41.97 0.76
CA LEU B 71 -9.31 41.67 -0.36
C LEU B 71 -9.45 42.91 -1.26
N ASN B 82 -18.34 36.29 -1.16
CA ASN B 82 -18.18 36.91 0.16
C ASN B 82 -19.12 36.20 1.15
N ARG B 83 -20.42 36.47 1.06
CA ARG B 83 -21.37 36.05 2.12
C ARG B 83 -21.36 34.52 2.31
N THR B 84 -20.61 33.79 1.48
CA THR B 84 -20.40 32.37 1.71
C THR B 84 -19.16 32.16 2.59
N ALA B 85 -18.17 33.06 2.50
CA ALA B 85 -17.04 33.08 3.46
C ALA B 85 -17.54 33.44 4.87
N LEU B 86 -18.50 34.37 4.99
CA LEU B 86 -19.13 34.62 6.30
C LEU B 86 -19.70 33.30 6.87
N ARG B 87 -20.43 32.54 6.05
CA ARG B 87 -21.10 31.32 6.49
C ARG B 87 -20.03 30.37 7.05
N GLU B 88 -18.91 30.36 6.36
CA GLU B 88 -17.78 29.49 6.63
C GLU B 88 -17.06 29.91 7.93
N ILE B 89 -16.82 31.19 8.07
CA ILE B 89 -16.32 31.71 9.31
C ILE B 89 -17.30 31.38 10.44
N LYS B 90 -18.58 31.79 10.33
CA LYS B 90 -19.61 31.41 11.31
C LYS B 90 -19.46 29.93 11.71
N LEU B 91 -19.34 29.06 10.69
CA LEU B 91 -19.38 27.63 10.91
C LEU B 91 -18.20 27.20 11.79
N LEU B 92 -16.99 27.61 11.44
CA LEU B 92 -15.80 27.13 12.14
C LEU B 92 -15.80 27.72 13.55
N GLN B 93 -16.43 28.87 13.78
CA GLN B 93 -16.61 29.39 15.16
C GLN B 93 -17.52 28.49 16.02
N GLU B 94 -18.52 27.89 15.40
CA GLU B 94 -19.51 27.11 16.16
C GLU B 94 -18.94 25.74 16.56
N LEU B 95 -17.91 25.30 15.85
CA LEU B 95 -17.26 24.03 16.13
C LEU B 95 -16.60 24.09 17.52
N SER B 96 -16.49 22.91 18.10
CA SER B 96 -16.04 22.74 19.48
C SER B 96 -15.57 21.30 19.68
N HIS B 97 -14.25 21.15 19.60
CA HIS B 97 -13.66 19.89 19.80
C HIS B 97 -12.20 20.18 20.19
N PRO B 98 -11.65 19.39 21.14
CA PRO B 98 -10.30 19.66 21.63
C PRO B 98 -9.23 19.64 20.54
N ASN B 99 -9.51 18.95 19.44
CA ASN B 99 -8.51 18.77 18.42
C ASN B 99 -8.84 19.59 17.15
N ILE B 100 -9.75 20.54 17.26
CA ILE B 100 -10.04 21.48 16.23
C ILE B 100 -9.70 22.89 16.69
N ILE B 101 -9.00 23.67 15.89
CA ILE B 101 -8.61 25.06 16.25
C ILE B 101 -9.87 25.89 16.58
N GLY B 102 -9.76 26.68 17.63
CA GLY B 102 -10.74 27.68 17.96
C GLY B 102 -10.54 28.89 17.07
N LEU B 103 -11.55 29.22 16.27
CA LEU B 103 -11.72 30.55 15.71
C LEU B 103 -12.63 31.33 16.67
N LEU B 104 -12.14 32.48 17.14
CA LEU B 104 -12.65 33.17 18.30
C LEU B 104 -13.42 34.42 17.90
N ASP B 105 -13.07 35.01 16.77
CA ASP B 105 -13.66 36.27 16.40
C ASP B 105 -13.20 36.68 15.02
N ALA B 106 -13.78 37.75 14.48
CA ALA B 106 -13.39 38.27 13.19
C ALA B 106 -13.82 39.74 13.09
N PHE B 107 -12.98 40.54 12.44
CA PHE B 107 -13.25 42.00 12.40
C PHE B 107 -12.63 42.62 11.17
N GLY B 108 -12.98 43.83 10.85
CA GLY B 108 -12.35 44.50 9.73
C GLY B 108 -13.31 45.41 9.01
N HIS B 109 -12.76 46.20 8.10
CA HIS B 109 -13.50 47.25 7.40
C HIS B 109 -12.95 47.36 5.98
N LYS B 110 -13.83 47.68 5.03
CA LYS B 110 -13.43 47.89 3.62
C LYS B 110 -12.44 46.79 3.20
N SER B 111 -11.13 47.07 3.27
CA SER B 111 -10.12 46.33 2.49
C SER B 111 -9.65 45.03 3.18
N ASN B 112 -9.57 45.02 4.51
CA ASN B 112 -8.95 43.91 5.25
C ASN B 112 -9.94 43.33 6.26
N ILE B 113 -9.88 42.02 6.41
CA ILE B 113 -10.56 41.29 7.46
C ILE B 113 -9.49 40.53 8.26
N SER B 114 -9.60 40.49 9.60
CA SER B 114 -8.70 39.70 10.45
C SER B 114 -9.50 38.56 11.11
N LEU B 115 -8.85 37.44 11.35
CA LEU B 115 -9.48 36.25 11.95
C LEU B 115 -8.68 35.87 13.18
N VAL B 116 -9.37 35.56 14.27
CA VAL B 116 -8.69 35.40 15.53
C VAL B 116 -8.75 33.94 15.94
N PHE B 117 -7.57 33.31 16.11
CA PHE B 117 -7.43 31.91 16.46
C PHE B 117 -6.70 31.76 17.79
N ASP B 118 -6.85 30.60 18.46
CA ASP B 118 -5.95 30.18 19.57
C ASP B 118 -4.49 30.25 19.14
N PHE B 119 -3.64 30.82 19.96
CA PHE B 119 -2.21 30.70 19.70
C PHE B 119 -1.69 29.28 19.93
N MET B 120 -0.86 28.79 19.03
CA MET B 120 -0.26 27.47 19.16
C MET B 120 1.26 27.55 18.98
N GLU B 121 2.03 26.98 19.91
CA GLU B 121 3.51 27.10 19.96
C GLU B 121 4.13 26.76 18.61
N THR B 122 3.89 25.53 18.10
CA THR B 122 4.44 25.08 16.80
C THR B 122 3.42 24.24 16.03
N ASP B 123 3.94 23.40 15.13
CA ASP B 123 3.15 22.55 14.28
C ASP B 123 3.97 21.30 13.89
N LEU B 124 3.24 20.33 13.34
CA LEU B 124 3.82 19.04 13.03
C LEU B 124 4.91 19.19 11.98
N GLU B 125 4.79 20.15 11.08
CA GLU B 125 5.86 20.36 10.12
C GLU B 125 7.17 20.74 10.83
N VAL B 126 7.15 21.57 11.89
CA VAL B 126 8.46 22.02 12.40
C VAL B 126 9.04 20.89 13.24
N ILE B 127 8.17 20.20 13.98
CA ILE B 127 8.53 18.94 14.65
C ILE B 127 9.18 17.94 13.67
N ILE B 128 8.53 17.64 12.55
CA ILE B 128 9.08 16.68 11.58
C ILE B 128 10.47 17.11 11.11
N LYS B 129 10.74 18.39 10.85
CA LYS B 129 12.00 18.84 10.22
C LYS B 129 13.14 18.99 11.22
N ASP B 130 12.86 18.91 12.52
CA ASP B 130 13.86 19.14 13.57
C ASP B 130 14.75 17.91 13.74
N ASN B 131 15.98 18.00 13.22
CA ASN B 131 17.02 16.96 13.34
C ASN B 131 17.21 16.50 14.80
N SER B 132 17.07 17.41 15.76
CA SER B 132 17.41 17.13 17.15
C SER B 132 16.22 16.52 17.90
N LEU B 133 15.14 16.19 17.22
CA LEU B 133 13.95 15.69 17.89
C LEU B 133 13.66 14.26 17.46
N VAL B 134 13.42 13.40 18.44
CA VAL B 134 13.24 11.97 18.21
C VAL B 134 11.74 11.64 18.25
N LEU B 135 11.25 10.94 17.25
CA LEU B 135 9.84 10.53 17.26
C LEU B 135 9.74 9.04 17.63
N THR B 136 9.36 8.72 18.86
CA THR B 136 9.13 7.33 19.27
C THR B 136 7.84 6.83 18.64
N PRO B 137 7.59 5.53 18.69
CA PRO B 137 6.32 4.98 18.23
C PRO B 137 5.13 5.60 18.97
N SER B 138 5.34 5.82 20.28
CA SER B 138 4.35 6.40 21.15
C SER B 138 4.05 7.86 20.76
N HIS B 139 5.06 8.59 20.26
CA HIS B 139 4.85 10.01 19.89
C HIS B 139 4.01 10.04 18.61
N ILE B 140 4.37 9.20 17.67
CA ILE B 140 3.64 9.16 16.42
C ILE B 140 2.19 8.72 16.72
N LYS B 141 1.97 7.83 17.65
CA LYS B 141 0.63 7.33 17.90
C LYS B 141 -0.24 8.44 18.49
N ALA B 142 0.34 9.23 19.40
CA ALA B 142 -0.34 10.38 19.99
C ALA B 142 -0.73 11.38 18.90
N TYR B 143 0.21 11.73 18.02
CA TYR B 143 -0.09 12.69 16.96
C TYR B 143 -1.22 12.16 16.09
N MET B 144 -1.20 10.87 15.75
CA MET B 144 -2.20 10.31 14.86
C MET B 144 -3.55 10.22 15.58
N LEU B 145 -3.52 9.85 16.86
CA LEU B 145 -4.76 9.64 17.56
C LEU B 145 -5.54 10.98 17.62
N MET B 146 -4.85 12.07 17.94
CA MET B 146 -5.48 13.39 18.04
C MET B 146 -5.99 13.87 16.67
N THR B 147 -5.16 13.74 15.65
CA THR B 147 -5.52 14.09 14.26
C THR B 147 -6.84 13.40 13.88
N LEU B 148 -6.89 12.07 14.01
CA LEU B 148 -8.07 11.32 13.60
C LEU B 148 -9.29 11.64 14.46
N GLN B 149 -9.05 12.03 15.71
CA GLN B 149 -10.13 12.33 16.63
C GLN B 149 -10.79 13.63 16.18
N GLY B 150 -9.95 14.58 15.76
CA GLY B 150 -10.42 15.86 15.22
C GLY B 150 -11.21 15.64 13.93
N LEU B 151 -10.58 14.94 13.02
CA LEU B 151 -11.18 14.62 11.75
C LEU B 151 -12.51 13.88 11.93
N GLU B 152 -12.59 13.01 12.92
CA GLU B 152 -13.80 12.25 13.09
C GLU B 152 -14.94 13.20 13.42
N TYR B 153 -14.67 14.12 14.31
CA TYR B 153 -15.66 15.11 14.68
C TYR B 153 -16.18 15.87 13.45
N LEU B 154 -15.23 16.31 12.61
CA LEU B 154 -15.51 17.07 11.38
C LEU B 154 -16.42 16.23 10.48
N HIS B 155 -15.94 15.06 10.13
CA HIS B 155 -16.62 14.16 9.19
C HIS B 155 -18.03 13.82 9.66
N GLN B 156 -18.19 13.73 10.99
CA GLN B 156 -19.48 13.34 11.57
C GLN B 156 -20.42 14.52 11.39
N HIS B 157 -19.86 15.73 11.43
CA HIS B 157 -20.63 16.97 11.24
C HIS B 157 -20.68 17.39 9.77
N TRP B 158 -20.50 16.44 8.87
CA TRP B 158 -20.60 16.65 7.46
C TRP B 158 -19.59 17.68 6.93
N ILE B 159 -18.41 17.78 7.53
CA ILE B 159 -17.43 18.77 7.08
C ILE B 159 -16.16 18.04 6.66
N LEU B 160 -15.57 18.49 5.58
CA LEU B 160 -14.25 18.02 5.12
C LEU B 160 -13.20 19.10 5.37
N HIS B 161 -12.03 18.69 5.84
CA HIS B 161 -10.97 19.62 6.10
C HIS B 161 -10.43 20.15 4.77
N ARG B 162 -10.04 19.24 3.90
CA ARG B 162 -9.59 19.53 2.52
C ARG B 162 -8.16 20.12 2.46
N ASP B 163 -7.50 20.45 3.56
CA ASP B 163 -6.19 21.09 3.48
C ASP B 163 -5.25 20.51 4.56
N LEU B 164 -5.30 19.19 4.76
CA LEU B 164 -4.50 18.54 5.75
C LEU B 164 -3.09 18.43 5.21
N LYS B 165 -2.18 18.72 6.12
CA LYS B 165 -0.77 18.65 5.92
C LYS B 165 -0.07 19.07 7.21
N PRO B 166 1.21 18.73 7.33
CA PRO B 166 1.88 18.93 8.60
C PRO B 166 1.73 20.35 9.17
N ASN B 167 1.91 21.41 8.39
CA ASN B 167 1.90 22.75 8.99
C ASN B 167 0.47 23.23 9.33
N ASN B 168 -0.56 22.46 9.01
CA ASN B 168 -1.91 22.77 9.47
C ASN B 168 -2.37 21.81 10.57
N LEU B 169 -1.42 21.07 11.13
CA LEU B 169 -1.64 20.39 12.36
C LEU B 169 -0.81 21.13 13.42
N LEU B 170 -1.48 21.92 14.24
CA LEU B 170 -0.83 22.81 15.22
C LEU B 170 -0.78 22.14 16.60
N LEU B 171 0.24 22.48 17.36
CA LEU B 171 0.47 21.90 18.70
C LEU B 171 0.63 23.04 19.70
N ASP B 172 -0.20 23.04 20.74
CA ASP B 172 -0.06 23.99 21.86
C ASP B 172 0.96 23.52 22.91
N GLU B 173 1.22 24.42 23.87
CA GLU B 173 2.17 24.26 25.00
C GLU B 173 2.07 22.87 25.62
N ASN B 174 0.86 22.31 25.73
CA ASN B 174 0.53 21.12 26.55
C ASN B 174 0.29 19.85 25.69
N GLY B 175 0.89 19.78 24.50
CA GLY B 175 0.78 18.61 23.62
C GLY B 175 -0.64 18.31 23.10
N VAL B 176 -1.45 19.34 22.90
CA VAL B 176 -2.74 19.13 22.20
C VAL B 176 -2.57 19.49 20.72
N LEU B 177 -2.73 18.51 19.83
CA LEU B 177 -2.80 18.80 18.38
C LEU B 177 -4.21 19.26 18.01
N LYS B 178 -4.32 20.38 17.29
CA LYS B 178 -5.59 20.80 16.66
C LYS B 178 -5.44 20.89 15.12
N LEU B 179 -6.38 20.30 14.37
CA LEU B 179 -6.56 20.64 12.91
C LEU B 179 -6.87 22.15 12.80
N ALA B 180 -6.11 22.84 11.95
CA ALA B 180 -6.28 24.29 11.81
C ALA B 180 -6.49 24.64 10.34
N ASP B 181 -6.72 25.94 10.09
CA ASP B 181 -6.60 26.60 8.74
C ASP B 181 -7.91 26.48 7.89
N PHE B 182 -8.18 25.28 7.35
CA PHE B 182 -9.42 24.93 6.57
C PHE B 182 -9.51 25.68 5.23
N GLY B 183 -8.37 26.14 4.71
CA GLY B 183 -8.32 27.02 3.53
C GLY B 183 -9.27 28.19 3.62
N LEU B 184 -9.44 28.78 4.79
CA LEU B 184 -10.34 29.90 4.92
C LEU B 184 -9.80 31.08 4.09
N ALA B 185 -8.62 31.59 4.40
CA ALA B 185 -8.14 32.79 3.71
C ALA B 185 -8.08 32.54 2.20
N LYS B 186 -7.65 31.35 1.80
CA LYS B 186 -7.53 30.96 0.39
C LYS B 186 -8.86 31.20 -0.33
N SER B 187 -9.93 30.72 0.31
CA SER B 187 -11.31 30.73 -0.25
C SER B 187 -11.81 32.15 -0.55
N PHE B 188 -11.20 33.21 -0.03
CA PHE B 188 -11.75 34.53 -0.35
C PHE B 188 -10.69 35.64 -0.37
N GLY B 189 -9.43 35.35 -0.07
CA GLY B 189 -8.43 36.40 -0.01
C GLY B 189 -7.63 36.50 -1.29
N ASP B 190 -7.06 37.69 -1.55
CA ASP B 190 -6.06 37.90 -2.60
C ASP B 190 -4.77 37.17 -2.20
N PRO B 191 -4.08 36.53 -3.17
CA PRO B 191 -2.73 35.98 -2.90
C PRO B 191 -1.82 36.96 -2.14
N ASN B 192 -1.12 36.45 -1.13
CA ASN B 192 -0.26 37.28 -0.26
C ASN B 192 1.05 37.58 -0.99
N ARG B 193 1.20 38.85 -1.41
CA ARG B 193 2.33 39.29 -2.25
C ARG B 193 3.67 38.86 -1.65
N ALA B 194 3.80 38.88 -0.32
CA ALA B 194 5.11 38.68 0.37
C ALA B 194 5.26 37.25 0.90
N TYR B 195 4.88 36.23 0.10
CA TYR B 195 5.00 34.80 0.51
C TYR B 195 6.15 34.14 -0.27
N GLU B 196 7.22 33.72 0.43
CA GLU B 196 8.44 33.21 -0.22
C GLU B 196 8.69 31.73 0.11
N HIS B 197 7.74 31.09 0.79
CA HIS B 197 7.89 29.68 1.15
C HIS B 197 7.33 28.83 -0.01
N GLN B 198 7.56 27.52 0.03
CA GLN B 198 7.30 26.63 -1.11
C GLN B 198 5.88 26.03 -0.99
N VAL B 199 5.16 25.97 -2.12
CA VAL B 199 3.74 25.49 -2.15
C VAL B 199 3.72 23.96 -2.17
N VAL B 200 3.19 23.35 -1.11
CA VAL B 200 3.43 21.92 -0.86
C VAL B 200 2.13 21.11 -0.98
N THR B 201 0.98 21.72 -1.30
CA THR B 201 -0.40 21.12 -1.15
C THR B 201 -0.59 19.83 -1.97
N ARG B 202 0.07 19.74 -3.12
CA ARG B 202 -0.11 18.64 -4.07
C ARG B 202 0.43 17.31 -3.53
N TRP B 203 1.43 17.39 -2.66
CA TRP B 203 2.05 16.24 -2.08
C TRP B 203 1.05 15.40 -1.27
N TYR B 204 -0.03 16.02 -0.80
CA TYR B 204 -1.01 15.39 0.07
C TYR B 204 -2.32 15.10 -0.68
N ARG B 205 -2.41 15.42 -1.98
CA ARG B 205 -3.66 15.29 -2.80
C ARG B 205 -3.93 13.82 -3.19
N ALA B 206 -5.12 13.35 -2.89
CA ALA B 206 -5.63 12.04 -3.23
C ALA B 206 -5.71 11.88 -4.77
N PRO B 207 -5.56 10.66 -5.27
CA PRO B 207 -5.45 10.39 -6.71
C PRO B 207 -6.73 10.77 -7.49
N GLU B 208 -7.92 10.68 -6.86
CA GLU B 208 -9.18 11.02 -7.52
C GLU B 208 -9.19 12.53 -7.83
N LEU B 209 -8.61 13.36 -6.95
CA LEU B 209 -8.56 14.77 -7.17
C LEU B 209 -7.61 15.08 -8.32
N LEU B 210 -6.43 14.46 -8.34
CA LEU B 210 -5.41 14.71 -9.42
C LEU B 210 -5.92 14.22 -10.77
N PHE B 211 -6.81 13.24 -10.72
CA PHE B 211 -7.45 12.74 -11.95
C PHE B 211 -8.68 13.59 -12.30
N GLY B 212 -8.98 14.62 -11.49
CA GLY B 212 -9.93 15.66 -11.94
C GLY B 212 -11.35 15.45 -11.47
N ALA B 213 -11.56 14.61 -10.47
CA ALA B 213 -12.89 14.35 -9.96
C ALA B 213 -13.51 15.63 -9.38
N ARG B 214 -14.74 15.95 -9.74
CA ARG B 214 -15.41 17.08 -9.12
C ARG B 214 -16.32 16.61 -7.98
N MET B 215 -16.47 15.33 -7.71
CA MET B 215 -17.18 14.92 -6.51
C MET B 215 -16.25 14.08 -5.62
N TYR B 216 -16.32 14.29 -4.31
CA TYR B 216 -15.42 13.58 -3.48
C TYR B 216 -15.85 13.65 -2.00
N GLY B 217 -15.22 12.81 -1.18
CA GLY B 217 -15.62 12.69 0.20
C GLY B 217 -14.46 12.61 1.16
N VAL B 218 -14.72 11.94 2.27
CA VAL B 218 -13.84 11.87 3.42
C VAL B 218 -12.49 11.28 3.01
N GLY B 219 -12.48 10.51 1.92
CA GLY B 219 -11.30 9.90 1.39
C GLY B 219 -10.23 10.91 1.00
N VAL B 220 -10.66 12.09 0.67
CA VAL B 220 -9.69 13.10 0.34
C VAL B 220 -8.83 13.41 1.59
N ASP B 221 -9.46 13.54 2.72
CA ASP B 221 -8.82 13.84 3.96
C ASP B 221 -8.04 12.60 4.42
N MET B 222 -8.62 11.40 4.28
CA MET B 222 -7.95 10.16 4.77
C MET B 222 -6.63 9.94 4.03
N TRP B 223 -6.61 10.14 2.74
CA TRP B 223 -5.37 10.05 2.00
C TRP B 223 -4.35 11.02 2.59
N ALA B 224 -4.80 12.20 2.93
CA ALA B 224 -3.85 13.23 3.40
C ALA B 224 -3.20 12.75 4.72
N VAL B 225 -4.04 12.33 5.65
CA VAL B 225 -3.63 11.68 6.87
C VAL B 225 -2.58 10.59 6.58
N GLY B 226 -2.81 9.73 5.57
CA GLY B 226 -1.84 8.73 5.24
C GLY B 226 -0.49 9.32 4.84
N CYS B 227 -0.49 10.44 4.10
CA CYS B 227 0.76 11.10 3.67
C CYS B 227 1.43 11.75 4.90
N ILE B 228 0.66 12.11 5.89
CA ILE B 228 1.21 12.79 7.04
C ILE B 228 1.90 11.73 7.92
N LEU B 229 1.18 10.66 8.25
CA LEU B 229 1.75 9.51 8.95
C LEU B 229 3.07 9.10 8.27
N ALA B 230 3.04 8.97 6.97
CA ALA B 230 4.23 8.53 6.25
C ALA B 230 5.37 9.52 6.47
N GLU B 231 5.10 10.84 6.35
CA GLU B 231 6.07 11.92 6.67
C GLU B 231 6.58 11.79 8.13
N LEU B 232 5.70 11.51 9.08
CA LEU B 232 6.15 11.27 10.46
C LEU B 232 7.15 10.10 10.57
N LEU B 233 7.02 9.07 9.73
CA LEU B 233 7.84 7.86 9.88
C LEU B 233 9.17 7.98 9.11
N LEU B 234 9.18 8.71 8.02
CA LEU B 234 10.36 8.84 7.18
C LEU B 234 11.05 10.18 7.46
N ARG B 235 10.34 11.10 8.14
CA ARG B 235 10.80 12.48 8.37
C ARG B 235 11.04 13.25 7.07
N VAL B 236 10.52 12.81 5.94
CA VAL B 236 10.61 13.58 4.71
C VAL B 236 9.29 13.39 3.99
N PRO B 237 8.91 14.32 3.11
CA PRO B 237 7.58 14.19 2.48
C PRO B 237 7.51 12.89 1.66
N PHE B 238 6.38 12.20 1.72
CA PHE B 238 6.33 10.82 1.22
C PHE B 238 6.35 10.83 -0.32
N LEU B 239 5.60 11.72 -0.96
CA LEU B 239 5.37 11.70 -2.41
C LEU B 239 5.47 13.15 -2.95
N PRO B 240 6.70 13.69 -3.07
CA PRO B 240 6.86 15.09 -3.43
C PRO B 240 6.76 15.41 -4.92
N GLY B 241 5.58 15.36 -5.50
CA GLY B 241 5.49 15.58 -6.92
C GLY B 241 5.76 17.04 -7.28
N ASP B 242 6.46 17.27 -8.40
CA ASP B 242 6.77 18.62 -8.91
C ASP B 242 5.69 19.14 -9.88
N SER B 243 4.67 18.31 -10.15
CA SER B 243 3.47 18.68 -10.90
C SER B 243 2.39 17.66 -10.57
N ASP B 244 1.19 17.85 -11.08
CA ASP B 244 0.11 16.88 -10.90
C ASP B 244 0.38 15.52 -11.57
N LEU B 245 1.03 15.56 -12.70
CA LEU B 245 1.29 14.32 -13.40
C LEU B 245 2.41 13.57 -12.68
N ASP B 246 3.45 14.29 -12.27
CA ASP B 246 4.53 13.68 -11.53
C ASP B 246 4.03 13.16 -10.19
N GLN B 247 3.02 13.82 -9.60
CA GLN B 247 2.46 13.37 -8.35
C GLN B 247 1.76 12.02 -8.55
N LEU B 248 1.00 11.88 -9.62
CA LEU B 248 0.33 10.61 -9.92
C LEU B 248 1.35 9.51 -10.17
N THR B 249 2.36 9.79 -10.99
CA THR B 249 3.46 8.88 -11.27
C THR B 249 4.10 8.36 -9.98
N ARG B 250 4.35 9.28 -9.03
CA ARG B 250 4.97 8.93 -7.78
C ARG B 250 4.02 8.03 -6.98
N ILE B 251 2.73 8.35 -7.01
CA ILE B 251 1.81 7.56 -6.28
C ILE B 251 1.86 6.11 -6.77
N PHE B 252 1.81 5.92 -8.07
CA PHE B 252 1.72 4.61 -8.66
C PHE B 252 3.08 3.91 -8.63
N GLU B 253 4.19 4.62 -8.87
CA GLU B 253 5.53 3.94 -8.70
C GLU B 253 5.66 3.35 -7.28
N THR B 254 5.17 4.07 -6.26
CA THR B 254 5.36 3.69 -4.85
C THR B 254 4.29 2.67 -4.42
N LEU B 255 3.01 2.96 -4.67
CA LEU B 255 1.92 2.12 -4.14
C LEU B 255 1.42 1.17 -5.21
N GLY B 256 1.83 1.38 -6.46
CA GLY B 256 1.40 0.49 -7.54
C GLY B 256 0.21 1.05 -8.32
N THR B 257 0.07 0.60 -9.55
CA THR B 257 -0.97 1.11 -10.41
C THR B 257 -2.22 0.28 -10.17
N PRO B 258 -3.28 0.89 -9.68
CA PRO B 258 -4.46 0.10 -9.39
C PRO B 258 -5.06 -0.56 -10.65
N THR B 259 -5.69 -1.70 -10.41
CA THR B 259 -6.43 -2.50 -11.38
C THR B 259 -7.88 -1.99 -11.37
N GLU B 260 -8.73 -2.55 -12.23
CA GLU B 260 -10.18 -2.29 -12.27
C GLU B 260 -10.86 -2.91 -11.04
N GLU B 261 -10.42 -4.11 -10.69
CA GLU B 261 -10.84 -4.75 -9.44
C GLU B 261 -10.69 -3.75 -8.28
N GLN B 262 -9.48 -3.23 -8.09
CA GLN B 262 -9.21 -2.41 -6.90
C GLN B 262 -10.02 -1.11 -6.96
N TRP B 263 -10.23 -0.57 -8.16
CA TRP B 263 -10.80 0.78 -8.29
C TRP B 263 -11.70 0.82 -9.53
N PRO B 264 -12.92 0.35 -9.41
CA PRO B 264 -13.67 -0.05 -10.60
C PRO B 264 -13.90 1.16 -11.54
N ASP B 265 -14.24 2.32 -10.96
CA ASP B 265 -14.64 3.47 -11.81
C ASP B 265 -13.54 4.48 -12.18
N MET B 266 -12.29 4.13 -12.00
CA MET B 266 -11.18 5.03 -12.16
C MET B 266 -11.13 5.58 -13.59
N CYS B 267 -11.40 4.71 -14.57
CA CYS B 267 -11.35 5.04 -16.00
C CYS B 267 -12.30 6.15 -16.43
N SER B 268 -13.31 6.41 -15.59
CA SER B 268 -14.33 7.41 -15.87
C SER B 268 -13.94 8.77 -15.25
N LEU B 269 -12.81 8.82 -14.55
CA LEU B 269 -12.39 10.10 -13.97
C LEU B 269 -12.08 11.05 -15.11
N PRO B 270 -12.45 12.33 -14.95
CA PRO B 270 -12.40 13.24 -16.08
C PRO B 270 -11.00 13.37 -16.69
N ASP B 271 -9.95 13.40 -15.88
CA ASP B 271 -8.60 13.53 -16.44
C ASP B 271 -7.84 12.24 -16.52
N TYR B 272 -8.56 11.13 -16.46
CA TYR B 272 -7.96 9.83 -16.40
C TYR B 272 -7.10 9.57 -17.62
N VAL B 273 -5.98 8.94 -17.35
CA VAL B 273 -5.18 8.42 -18.43
C VAL B 273 -4.54 7.12 -17.92
N THR B 274 -4.20 6.20 -18.82
CA THR B 274 -3.57 4.92 -18.45
C THR B 274 -2.06 5.09 -18.24
N PHE B 275 -1.63 4.72 -17.04
CA PHE B 275 -0.24 4.56 -16.65
C PHE B 275 0.15 3.09 -16.80
N LYS B 276 1.44 2.89 -17.04
CA LYS B 276 2.15 1.66 -16.90
C LYS B 276 1.73 0.95 -15.62
N SER B 277 1.69 -0.36 -15.67
CA SER B 277 1.30 -1.16 -14.51
C SER B 277 2.50 -1.33 -13.56
N PHE B 278 2.66 -0.47 -12.60
CA PHE B 278 3.77 -0.55 -11.67
C PHE B 278 3.41 -1.54 -10.56
N PRO B 279 4.38 -2.32 -10.12
CA PRO B 279 4.16 -3.29 -9.05
C PRO B 279 4.02 -2.57 -7.70
N GLY B 280 4.79 -1.49 -7.49
CA GLY B 280 4.72 -0.76 -6.22
C GLY B 280 5.68 -1.40 -5.22
N ILE B 281 6.07 -0.65 -4.19
CA ILE B 281 7.02 -1.14 -3.20
C ILE B 281 6.23 -1.68 -2.00
N PRO B 282 6.59 -2.88 -1.48
CA PRO B 282 5.81 -3.40 -0.34
C PRO B 282 5.96 -2.46 0.85
N LEU B 283 4.89 -2.30 1.61
CA LEU B 283 4.83 -1.28 2.62
C LEU B 283 5.88 -1.57 3.71
N HIS B 284 6.17 -2.82 4.02
CA HIS B 284 7.17 -3.13 5.07
C HIS B 284 8.57 -2.70 4.65
N HIS B 285 8.86 -2.71 3.35
CA HIS B 285 10.15 -2.23 2.82
C HIS B 285 10.25 -0.69 2.88
N ILE B 286 9.15 0.04 2.74
CA ILE B 286 9.19 1.51 2.85
C ILE B 286 9.31 1.92 4.33
N PHE B 287 8.49 1.29 5.18
CA PHE B 287 8.46 1.52 6.60
C PHE B 287 9.14 0.35 7.34
N SER B 288 10.48 0.36 7.31
CA SER B 288 11.27 -0.78 7.79
C SER B 288 11.11 -1.07 9.30
N ALA B 289 10.54 -0.13 10.07
CA ALA B 289 10.40 -0.36 11.51
C ALA B 289 8.95 -0.62 11.93
N ALA B 290 7.95 -0.47 11.05
CA ALA B 290 6.54 -0.56 11.41
C ALA B 290 6.15 -2.03 11.65
N GLY B 291 5.31 -2.24 12.64
CA GLY B 291 4.68 -3.55 12.83
C GLY B 291 3.43 -3.73 11.98
N ASP B 292 2.87 -4.91 12.07
CA ASP B 292 1.77 -5.30 11.26
C ASP B 292 0.59 -4.38 11.52
N ASP B 293 0.41 -3.87 12.74
CA ASP B 293 -0.76 -3.07 13.04
C ASP B 293 -0.75 -1.70 12.37
N LEU B 294 0.40 -1.08 12.39
CA LEU B 294 0.60 0.21 11.75
C LEU B 294 0.64 0.01 10.22
N LEU B 295 1.24 -1.08 9.71
CA LEU B 295 1.18 -1.29 8.25
C LEU B 295 -0.29 -1.45 7.78
N ASP B 296 -1.19 -2.05 8.58
CA ASP B 296 -2.62 -2.15 8.21
C ASP B 296 -3.34 -0.81 8.15
N LEU B 297 -3.02 0.06 9.11
CA LEU B 297 -3.54 1.43 9.15
C LEU B 297 -3.09 2.15 7.87
N ILE B 298 -1.80 2.10 7.61
CA ILE B 298 -1.25 2.75 6.43
C ILE B 298 -1.92 2.20 5.17
N GLN B 299 -2.17 0.90 5.11
CA GLN B 299 -2.75 0.28 3.89
C GLN B 299 -4.17 0.82 3.70
N GLY B 300 -4.95 0.92 4.78
CA GLY B 300 -6.30 1.38 4.72
C GLY B 300 -6.38 2.84 4.31
N LEU B 301 -5.41 3.66 4.67
CA LEU B 301 -5.54 5.07 4.30
C LEU B 301 -5.19 5.26 2.84
N PHE B 302 -4.49 4.31 2.23
CA PHE B 302 -3.99 4.49 0.87
C PHE B 302 -4.72 3.60 -0.14
N LEU B 303 -5.83 3.01 0.23
CA LEU B 303 -6.56 2.24 -0.78
C LEU B 303 -6.94 3.19 -1.91
N PHE B 304 -6.96 2.71 -3.12
CA PHE B 304 -7.19 3.62 -4.21
C PHE B 304 -8.68 3.98 -4.34
N ASN B 305 -9.55 2.99 -4.25
CA ASN B 305 -10.95 3.25 -4.27
C ASN B 305 -11.33 4.12 -3.06
N PRO B 306 -11.77 5.37 -3.28
CA PRO B 306 -12.07 6.30 -2.22
C PRO B 306 -13.28 5.87 -1.37
N CYS B 307 -14.12 5.02 -1.92
CA CYS B 307 -15.20 4.39 -1.18
C CYS B 307 -14.64 3.34 -0.22
N ALA B 308 -13.54 2.68 -0.55
CA ALA B 308 -13.08 1.58 0.29
C ALA B 308 -12.08 2.12 1.32
N ARG B 309 -11.48 3.26 1.02
CA ARG B 309 -10.49 3.88 1.88
C ARG B 309 -11.04 3.92 3.30
N ILE B 310 -10.17 3.71 4.29
CA ILE B 310 -10.60 3.61 5.73
C ILE B 310 -11.21 4.96 6.17
N THR B 311 -12.30 4.95 6.96
CA THR B 311 -12.79 6.15 7.56
C THR B 311 -12.03 6.48 8.87
N ALA B 312 -12.12 7.72 9.27
CA ALA B 312 -11.55 8.14 10.56
C ALA B 312 -12.06 7.25 11.71
N THR B 313 -13.36 6.96 11.75
CA THR B 313 -13.90 6.12 12.82
C THR B 313 -13.33 4.71 12.70
N GLN B 314 -13.36 4.12 11.50
CA GLN B 314 -12.76 2.81 11.35
C GLN B 314 -11.30 2.82 11.83
N ALA B 315 -10.57 3.89 11.54
CA ALA B 315 -9.18 3.94 11.76
C ALA B 315 -8.89 4.01 13.28
N LEU B 316 -9.73 4.70 14.02
CA LEU B 316 -9.59 4.78 15.49
C LEU B 316 -9.92 3.42 16.14
N LYS B 317 -10.63 2.51 15.47
CA LYS B 317 -10.89 1.18 16.05
C LYS B 317 -9.88 0.13 15.57
N MET B 318 -8.82 0.53 14.89
CA MET B 318 -7.77 -0.39 14.50
C MET B 318 -6.95 -0.83 15.72
N LYS B 319 -6.37 -2.02 15.68
CA LYS B 319 -5.55 -2.55 16.81
C LYS B 319 -4.42 -1.57 17.14
N TYR B 320 -3.91 -0.86 16.13
CA TYR B 320 -2.83 0.11 16.31
C TYR B 320 -3.07 0.99 17.53
N PHE B 321 -4.29 1.39 17.75
CA PHE B 321 -4.53 2.39 18.76
C PHE B 321 -4.80 1.76 20.10
N SER B 322 -5.11 0.45 20.13
CA SER B 322 -5.36 -0.20 21.42
C SER B 322 -4.12 -1.00 21.86
N ASN B 323 -3.32 -1.42 20.87
CA ASN B 323 -2.09 -2.12 21.09
C ASN B 323 -1.11 -1.20 21.83
N ARG B 324 -0.20 -1.81 22.61
CA ARG B 324 0.99 -1.12 23.13
C ARG B 324 2.02 -0.89 22.01
N PRO B 325 2.79 0.20 22.04
CA PRO B 325 2.89 1.05 23.21
C PRO B 325 1.77 2.09 23.16
N GLY B 326 1.39 2.56 24.32
CA GLY B 326 0.36 3.57 24.42
C GLY B 326 0.83 4.92 23.90
N PRO B 327 -0.13 5.78 23.57
CA PRO B 327 0.19 7.09 23.06
C PRO B 327 0.80 7.97 24.16
N THR B 328 1.83 8.72 23.79
CA THR B 328 2.47 9.61 24.71
C THR B 328 1.46 10.63 25.23
N PRO B 329 1.42 10.88 26.54
CA PRO B 329 0.63 12.03 27.05
C PRO B 329 1.09 13.41 26.52
N GLY B 330 0.15 14.30 26.34
CA GLY B 330 0.48 15.68 25.89
C GLY B 330 1.77 16.27 26.49
N CYS B 331 1.87 16.32 27.81
CA CYS B 331 2.97 17.10 28.41
C CYS B 331 4.35 16.48 28.09
N GLN B 332 4.38 15.23 27.62
CA GLN B 332 5.65 14.50 27.40
C GLN B 332 6.07 14.53 25.91
N LEU B 333 5.17 14.97 25.04
CA LEU B 333 5.51 15.13 23.62
C LEU B 333 6.63 16.17 23.43
N PRO B 334 7.53 15.92 22.49
CA PRO B 334 8.73 16.73 22.44
C PRO B 334 8.43 18.08 21.77
N ARG B 335 8.79 19.17 22.43
CA ARG B 335 8.65 20.52 21.89
C ARG B 335 10.02 20.97 21.37
N PRO B 336 10.07 21.65 20.24
CA PRO B 336 11.31 22.38 19.90
C PRO B 336 11.39 23.77 20.57
N ARG C 34 26.97 -7.42 -3.70
CA ARG C 34 26.82 -8.16 -2.42
C ARG C 34 26.50 -9.64 -2.67
N ALA C 35 27.56 -10.43 -2.86
CA ALA C 35 27.49 -11.91 -2.94
C ALA C 35 27.49 -12.51 -1.52
N LYS C 36 27.98 -11.75 -0.52
CA LYS C 36 28.03 -12.15 0.89
C LYS C 36 26.67 -12.67 1.39
N ARG C 37 25.57 -12.31 0.75
CA ARG C 37 24.25 -12.69 1.27
C ARG C 37 23.80 -14.03 0.70
N TYR C 38 24.58 -14.63 -0.22
CA TYR C 38 24.22 -15.91 -0.84
C TYR C 38 25.31 -16.96 -0.60
N GLU C 39 24.95 -18.01 0.12
CA GLU C 39 25.79 -19.19 0.26
C GLU C 39 25.51 -20.16 -0.90
N LYS C 40 26.52 -20.47 -1.72
CA LYS C 40 26.41 -21.49 -2.79
C LYS C 40 26.44 -22.89 -2.15
N LEU C 41 25.53 -23.74 -2.59
CA LEU C 41 25.24 -25.04 -1.96
C LEU C 41 25.58 -26.21 -2.89
N ASP C 42 25.42 -26.02 -4.20
CA ASP C 42 25.58 -27.08 -5.19
C ASP C 42 25.77 -26.48 -6.61
N PHE C 43 26.84 -26.89 -7.30
CA PHE C 43 26.99 -26.62 -8.75
C PHE C 43 26.03 -27.55 -9.50
N LEU C 44 25.00 -26.99 -10.12
CA LEU C 44 23.88 -27.77 -10.70
C LEU C 44 24.22 -28.24 -12.12
N GLY C 45 24.43 -27.27 -13.00
CA GLY C 45 24.74 -27.54 -14.36
C GLY C 45 25.39 -26.34 -15.00
N GLU C 46 25.47 -26.42 -16.31
CA GLU C 46 26.15 -25.45 -17.10
C GLU C 46 25.41 -25.37 -18.43
N GLY C 47 25.18 -24.16 -18.92
CA GLY C 47 24.61 -23.97 -20.27
C GLY C 47 25.67 -23.48 -21.24
N GLN C 48 25.26 -22.77 -22.30
CA GLN C 48 26.24 -22.27 -23.28
C GLN C 48 27.04 -21.11 -22.67
N PHE C 49 26.41 -20.32 -21.78
CA PHE C 49 27.04 -19.06 -21.33
C PHE C 49 27.01 -18.87 -19.81
N ALA C 50 26.44 -19.80 -19.05
CA ALA C 50 26.37 -19.63 -17.59
C ALA C 50 26.53 -20.97 -16.88
N THR C 51 27.08 -20.83 -15.70
CA THR C 51 27.13 -21.88 -14.70
C THR C 51 26.04 -21.58 -13.65
N VAL C 52 25.24 -22.59 -13.33
CA VAL C 52 24.13 -22.41 -12.44
C VAL C 52 24.39 -23.14 -11.13
N TYR C 53 24.10 -22.44 -10.04
CA TYR C 53 24.27 -22.97 -8.67
C TYR C 53 22.95 -22.94 -7.91
N LYS C 54 22.69 -23.95 -7.11
CA LYS C 54 21.71 -23.80 -6.06
C LYS C 54 22.36 -23.03 -4.91
N ALA C 55 21.62 -22.16 -4.26
CA ALA C 55 22.17 -21.35 -3.18
C ALA C 55 21.08 -20.97 -2.18
N ARG C 56 21.53 -20.67 -0.97
CA ARG C 56 20.67 -20.19 0.12
C ARG C 56 20.81 -18.67 0.20
N ASP C 57 19.66 -17.98 0.20
CA ASP C 57 19.65 -16.54 0.40
C ASP C 57 19.68 -16.27 1.88
N LYS C 58 20.77 -15.69 2.39
CA LYS C 58 20.98 -15.56 3.84
C LYS C 58 20.04 -14.52 4.45
N ASN C 59 19.51 -13.57 3.67
CA ASN C 59 18.50 -12.63 4.17
C ASN C 59 17.18 -13.36 4.45
N THR C 60 16.67 -14.17 3.51
CA THR C 60 15.31 -14.74 3.65
C THR C 60 15.28 -16.22 4.10
N ASN C 61 16.37 -16.99 3.96
CA ASN C 61 16.35 -18.47 4.07
C ASN C 61 15.67 -19.15 2.87
N GLN C 62 15.19 -18.40 1.87
CA GLN C 62 14.72 -19.02 0.62
C GLN C 62 15.92 -19.65 -0.09
N ILE C 63 15.67 -20.79 -0.72
CA ILE C 63 16.64 -21.35 -1.65
C ILE C 63 16.41 -20.72 -3.03
N VAL C 64 17.50 -20.50 -3.76
CA VAL C 64 17.45 -19.77 -5.02
C VAL C 64 18.46 -20.41 -5.99
N ALA C 65 18.32 -20.10 -7.27
CA ALA C 65 19.24 -20.46 -8.35
C ALA C 65 20.06 -19.23 -8.72
N ILE C 66 21.37 -19.40 -8.88
CA ILE C 66 22.24 -18.30 -9.25
C ILE C 66 22.96 -18.67 -10.55
N LYS C 67 22.81 -17.84 -11.57
CA LYS C 67 23.57 -17.97 -12.81
C LYS C 67 24.81 -17.07 -12.71
N LYS C 68 25.99 -17.65 -12.87
CA LYS C 68 27.22 -16.87 -13.01
C LYS C 68 27.57 -16.80 -14.49
N ILE C 69 28.05 -15.64 -14.94
CA ILE C 69 28.43 -15.43 -16.34
C ILE C 69 29.83 -14.82 -16.41
N LEU C 86 22.42 -5.63 -19.53
CA LEU C 86 22.69 -4.23 -19.41
C LEU C 86 21.53 -3.60 -18.62
N ARG C 87 20.45 -3.21 -19.33
CA ARG C 87 19.15 -2.88 -18.74
C ARG C 87 18.14 -3.90 -19.30
N GLU C 88 18.71 -4.96 -19.87
CA GLU C 88 17.99 -6.22 -20.07
C GLU C 88 17.68 -6.86 -18.71
N ILE C 89 18.52 -6.58 -17.71
CA ILE C 89 18.27 -6.98 -16.32
C ILE C 89 17.03 -6.23 -15.79
N LYS C 90 17.05 -4.89 -15.87
CA LYS C 90 15.93 -4.09 -15.38
C LYS C 90 14.63 -4.57 -16.04
N LEU C 91 14.67 -4.91 -17.32
CA LEU C 91 13.45 -5.29 -17.98
C LEU C 91 12.91 -6.58 -17.35
N LEU C 92 13.65 -7.68 -17.42
CA LEU C 92 13.14 -8.95 -16.88
C LEU C 92 12.74 -8.82 -15.40
N GLN C 93 13.39 -7.97 -14.61
CA GLN C 93 12.99 -7.80 -13.18
C GLN C 93 11.58 -7.21 -13.05
N GLU C 94 11.25 -6.27 -13.94
CA GLU C 94 9.96 -5.53 -13.91
C GLU C 94 8.82 -6.43 -14.40
N LEU C 95 9.10 -7.49 -15.12
CA LEU C 95 8.02 -8.34 -15.56
C LEU C 95 7.44 -9.10 -14.37
N SER C 96 6.13 -9.35 -14.38
CA SER C 96 5.50 -10.01 -13.22
C SER C 96 4.25 -10.81 -13.63
N HIS C 97 4.42 -12.12 -13.64
CA HIS C 97 3.36 -13.03 -14.03
C HIS C 97 3.70 -14.39 -13.44
N PRO C 98 2.68 -15.11 -12.95
CA PRO C 98 3.02 -16.38 -12.35
C PRO C 98 3.77 -17.35 -13.28
N ASN C 99 3.66 -17.24 -14.60
CA ASN C 99 4.24 -18.23 -15.52
C ASN C 99 5.50 -17.68 -16.22
N ILE C 100 6.10 -16.64 -15.64
CA ILE C 100 7.41 -16.09 -16.03
C ILE C 100 8.34 -16.13 -14.81
N ILE C 101 9.56 -16.62 -14.99
CA ILE C 101 10.56 -16.71 -13.92
C ILE C 101 10.83 -15.32 -13.31
N GLY C 102 10.86 -15.28 -11.98
CA GLY C 102 11.32 -14.09 -11.26
C GLY C 102 12.84 -13.97 -11.30
N LEU C 103 13.33 -12.80 -11.73
CA LEU C 103 14.73 -12.45 -11.50
C LEU C 103 14.80 -11.57 -10.24
N LEU C 104 15.32 -12.12 -9.13
CA LEU C 104 15.20 -11.60 -7.76
C LEU C 104 16.32 -10.61 -7.46
N ASP C 105 17.44 -10.72 -8.16
CA ASP C 105 18.61 -9.88 -7.92
C ASP C 105 19.71 -10.08 -8.98
N ALA C 106 20.69 -9.16 -8.96
CA ALA C 106 21.88 -9.28 -9.81
C ALA C 106 23.03 -8.46 -9.24
N PHE C 107 24.26 -8.89 -9.52
CA PHE C 107 25.46 -8.19 -9.00
C PHE C 107 26.71 -8.69 -9.74
N GLY C 108 27.79 -7.92 -9.70
CA GLY C 108 29.03 -8.35 -10.37
C GLY C 108 30.10 -7.27 -10.44
N HIS C 109 31.05 -7.49 -11.35
CA HIS C 109 32.15 -6.54 -11.60
C HIS C 109 32.61 -6.71 -13.06
N LYS C 110 33.92 -6.69 -13.35
CA LYS C 110 34.42 -6.62 -14.74
C LYS C 110 34.35 -7.97 -15.44
N SER C 111 34.66 -9.08 -14.76
CA SER C 111 34.82 -10.39 -15.43
C SER C 111 33.48 -11.14 -15.52
N ASN C 112 32.66 -11.09 -14.48
CA ASN C 112 31.47 -11.96 -14.40
C ASN C 112 30.28 -11.19 -13.80
N ILE C 113 29.08 -11.71 -14.10
CA ILE C 113 27.86 -11.25 -13.41
C ILE C 113 27.05 -12.46 -12.92
N SER C 114 26.38 -12.23 -11.79
CA SER C 114 25.56 -13.18 -11.06
C SER C 114 24.08 -12.77 -11.19
N LEU C 115 23.25 -13.65 -11.73
CA LEU C 115 21.81 -13.38 -11.81
C LEU C 115 21.07 -14.33 -10.87
N VAL C 116 20.18 -13.81 -10.02
CA VAL C 116 19.56 -14.67 -9.01
C VAL C 116 18.11 -14.91 -9.43
N PHE C 117 17.71 -16.16 -9.47
CA PHE C 117 16.40 -16.56 -9.99
C PHE C 117 15.65 -17.41 -8.95
N ASP C 118 14.33 -17.48 -9.08
CA ASP C 118 13.52 -18.48 -8.34
C ASP C 118 14.15 -19.84 -8.59
N PHE C 119 14.31 -20.65 -7.56
CA PHE C 119 14.82 -21.97 -7.76
C PHE C 119 13.69 -22.88 -8.26
N MET C 120 13.99 -23.59 -9.33
CA MET C 120 13.01 -24.44 -9.98
C MET C 120 13.51 -25.89 -9.96
N GLU C 121 12.75 -26.75 -9.30
CA GLU C 121 12.93 -28.24 -9.24
C GLU C 121 13.36 -28.83 -10.61
N THR C 122 12.47 -28.89 -11.59
CA THR C 122 12.82 -29.42 -12.93
C THR C 122 12.31 -28.50 -14.05
N ASP C 123 12.14 -29.12 -15.19
CA ASP C 123 11.73 -28.48 -16.39
C ASP C 123 11.07 -29.56 -17.25
N LEU C 124 10.46 -29.15 -18.36
CA LEU C 124 9.59 -29.99 -19.15
C LEU C 124 10.41 -30.97 -19.98
N GLU C 125 11.64 -30.63 -20.33
CA GLU C 125 12.58 -31.62 -20.94
C GLU C 125 12.71 -32.87 -20.03
N VAL C 126 12.92 -32.67 -18.72
CA VAL C 126 13.14 -33.78 -17.78
C VAL C 126 11.86 -34.64 -17.72
N ILE C 127 10.70 -33.97 -17.64
CA ILE C 127 9.37 -34.64 -17.59
C ILE C 127 9.16 -35.47 -18.86
N ILE C 128 9.51 -34.94 -20.02
CA ILE C 128 9.29 -35.63 -21.31
C ILE C 128 10.19 -36.86 -21.41
N LYS C 129 11.44 -36.78 -20.98
CA LYS C 129 12.35 -37.90 -21.04
C LYS C 129 12.13 -38.93 -19.92
N ASP C 130 11.26 -38.69 -18.97
CA ASP C 130 11.13 -39.59 -17.82
C ASP C 130 10.09 -40.67 -18.08
N ASN C 131 10.62 -41.86 -18.30
CA ASN C 131 9.89 -43.09 -18.64
C ASN C 131 8.80 -43.39 -17.59
N SER C 132 9.11 -43.22 -16.32
CA SER C 132 8.19 -43.59 -15.28
C SER C 132 7.07 -42.55 -15.11
N LEU C 133 6.89 -41.58 -16.00
CA LEU C 133 5.75 -40.67 -15.88
C LEU C 133 4.87 -40.78 -17.12
N VAL C 134 3.57 -40.95 -16.93
CA VAL C 134 2.65 -40.87 -18.06
C VAL C 134 2.10 -39.45 -18.15
N LEU C 135 1.73 -39.07 -19.36
CA LEU C 135 1.22 -37.73 -19.65
C LEU C 135 -0.20 -37.85 -20.20
N THR C 136 -1.16 -37.78 -19.28
CA THR C 136 -2.56 -37.76 -19.64
C THR C 136 -2.86 -36.47 -20.43
N PRO C 137 -3.90 -36.50 -21.28
CA PRO C 137 -4.38 -35.29 -21.95
C PRO C 137 -4.56 -34.07 -21.02
N SER C 138 -4.95 -34.34 -19.76
CA SER C 138 -5.14 -33.31 -18.74
C SER C 138 -3.80 -32.69 -18.32
N HIS C 139 -2.79 -33.51 -18.08
CA HIS C 139 -1.41 -33.03 -17.87
C HIS C 139 -0.98 -32.11 -19.02
N ILE C 140 -1.12 -32.62 -20.22
CA ILE C 140 -0.61 -31.95 -21.38
C ILE C 140 -1.28 -30.58 -21.46
N LYS C 141 -2.60 -30.55 -21.23
CA LYS C 141 -3.41 -29.34 -21.36
C LYS C 141 -2.95 -28.31 -20.31
N ALA C 142 -2.67 -28.76 -19.10
CA ALA C 142 -2.22 -27.81 -18.06
C ALA C 142 -0.87 -27.19 -18.46
N TYR C 143 0.04 -28.01 -18.97
CA TYR C 143 1.38 -27.52 -19.36
C TYR C 143 1.20 -26.49 -20.45
N MET C 144 0.36 -26.80 -21.42
CA MET C 144 0.13 -25.93 -22.57
C MET C 144 -0.50 -24.61 -22.13
N LEU C 145 -1.48 -24.68 -21.25
CA LEU C 145 -2.17 -23.52 -20.71
C LEU C 145 -1.13 -22.59 -20.06
N MET C 146 -0.41 -23.04 -19.04
CA MET C 146 0.58 -22.18 -18.36
C MET C 146 1.57 -21.56 -19.37
N THR C 147 2.01 -22.31 -20.36
CA THR C 147 3.06 -21.85 -21.27
C THR C 147 2.54 -20.69 -22.14
N LEU C 148 1.33 -20.86 -22.65
CA LEU C 148 0.65 -19.85 -23.46
C LEU C 148 0.23 -18.64 -22.62
N GLN C 149 -0.09 -18.84 -21.36
CA GLN C 149 -0.40 -17.71 -20.45
C GLN C 149 0.88 -16.87 -20.26
N GLY C 150 2.01 -17.56 -20.07
CA GLY C 150 3.29 -16.89 -19.97
C GLY C 150 3.59 -16.09 -21.22
N LEU C 151 3.49 -16.76 -22.39
CA LEU C 151 3.78 -16.16 -23.68
C LEU C 151 2.84 -15.00 -23.96
N GLU C 152 1.57 -15.17 -23.65
CA GLU C 152 0.63 -14.12 -23.94
C GLU C 152 1.11 -12.86 -23.23
N TYR C 153 1.49 -13.05 -21.97
CA TYR C 153 1.89 -11.95 -21.17
C TYR C 153 3.10 -11.26 -21.81
N LEU C 154 4.12 -12.03 -22.21
CA LEU C 154 5.35 -11.46 -22.75
C LEU C 154 5.05 -10.68 -24.01
N HIS C 155 4.37 -11.33 -24.93
CA HIS C 155 3.98 -10.71 -26.18
C HIS C 155 3.25 -9.39 -25.93
N GLN C 156 2.31 -9.37 -25.00
CA GLN C 156 1.63 -8.18 -24.60
C GLN C 156 2.64 -7.11 -24.13
N HIS C 157 3.77 -7.48 -23.53
CA HIS C 157 4.81 -6.51 -23.12
C HIS C 157 5.87 -6.28 -24.21
N TRP C 158 5.56 -6.63 -25.46
CA TRP C 158 6.34 -6.31 -26.68
C TRP C 158 7.72 -6.98 -26.62
N ILE C 159 7.75 -8.18 -26.05
CA ILE C 159 8.95 -8.99 -25.84
C ILE C 159 8.73 -10.33 -26.52
N LEU C 160 9.65 -10.75 -27.37
CA LEU C 160 9.66 -12.14 -27.87
C LEU C 160 10.62 -12.95 -26.98
N HIS C 161 10.34 -14.23 -26.86
CA HIS C 161 11.13 -15.11 -26.06
C HIS C 161 12.38 -15.48 -26.84
N ARG C 162 12.20 -16.02 -28.06
CA ARG C 162 13.27 -16.36 -29.03
C ARG C 162 13.98 -17.66 -28.65
N ASP C 163 13.65 -18.32 -27.55
CA ASP C 163 14.37 -19.56 -27.22
C ASP C 163 13.47 -20.56 -26.45
N LEU C 164 12.24 -20.72 -26.89
CA LEU C 164 11.40 -21.70 -26.26
C LEU C 164 11.78 -23.11 -26.72
N LYS C 165 12.18 -23.90 -25.76
CA LYS C 165 12.25 -25.31 -25.90
C LYS C 165 11.91 -25.89 -24.53
N PRO C 166 11.59 -27.18 -24.48
CA PRO C 166 11.14 -27.74 -23.22
C PRO C 166 12.07 -27.46 -22.02
N ASN C 167 13.38 -27.37 -22.22
CA ASN C 167 14.31 -27.19 -21.07
C ASN C 167 14.28 -25.73 -20.57
N ASN C 168 13.58 -24.82 -21.25
CA ASN C 168 13.37 -23.44 -20.81
C ASN C 168 11.93 -23.25 -20.32
N LEU C 169 11.17 -24.32 -20.20
CA LEU C 169 9.91 -24.27 -19.43
C LEU C 169 10.17 -24.97 -18.08
N LEU C 170 10.37 -24.15 -17.07
CA LEU C 170 10.80 -24.65 -15.80
C LEU C 170 9.57 -24.95 -14.97
N LEU C 171 9.72 -25.88 -14.05
CA LEU C 171 8.63 -26.32 -13.17
C LEU C 171 9.10 -26.29 -11.71
N ASP C 172 8.29 -25.67 -10.88
CA ASP C 172 8.53 -25.68 -9.44
C ASP C 172 7.82 -26.84 -8.73
N GLU C 173 7.88 -26.82 -7.40
CA GLU C 173 7.54 -27.97 -6.58
C GLU C 173 6.02 -28.10 -6.51
N ASN C 174 5.34 -26.98 -6.78
CA ASN C 174 3.88 -26.91 -6.76
C ASN C 174 3.27 -27.04 -8.15
N GLY C 175 4.07 -27.51 -9.13
CA GLY C 175 3.61 -27.71 -10.51
C GLY C 175 3.24 -26.41 -11.24
N VAL C 176 3.92 -25.33 -10.89
CA VAL C 176 3.79 -24.08 -11.64
C VAL C 176 4.93 -24.01 -12.66
N LEU C 177 4.54 -23.86 -13.93
CA LEU C 177 5.46 -23.77 -15.04
C LEU C 177 5.81 -22.30 -15.29
N LYS C 178 7.08 -22.04 -15.62
CA LYS C 178 7.56 -20.68 -15.73
C LYS C 178 8.50 -20.57 -16.92
N LEU C 179 8.21 -19.67 -17.87
CA LEU C 179 9.14 -19.48 -19.02
C LEU C 179 10.47 -18.95 -18.47
N ALA C 180 11.60 -19.44 -18.94
CA ALA C 180 12.87 -19.08 -18.34
C ALA C 180 13.70 -18.34 -19.36
N ASP C 181 14.87 -17.86 -18.96
CA ASP C 181 15.96 -17.48 -19.88
C ASP C 181 15.75 -16.11 -20.56
N PHE C 182 15.21 -16.14 -21.79
CA PHE C 182 15.23 -15.01 -22.77
C PHE C 182 16.65 -14.66 -23.20
N GLY C 183 17.60 -15.60 -23.15
CA GLY C 183 19.00 -15.36 -23.55
C GLY C 183 19.58 -14.07 -22.98
N LEU C 184 19.58 -13.95 -21.65
CA LEU C 184 20.22 -12.81 -20.96
C LEU C 184 21.75 -12.87 -21.10
N ALA C 185 22.32 -14.08 -21.01
CA ALA C 185 23.76 -14.26 -21.19
C ALA C 185 24.16 -13.95 -22.66
N LYS C 186 24.04 -12.65 -23.02
CA LYS C 186 24.23 -12.16 -24.40
C LYS C 186 24.15 -10.63 -24.42
N VAL C 199 22.99 -28.74 -32.60
CA VAL C 199 22.34 -27.64 -31.92
C VAL C 199 20.82 -27.97 -31.86
N VAL C 200 20.29 -27.78 -30.67
CA VAL C 200 18.94 -28.18 -30.34
C VAL C 200 17.98 -27.05 -30.72
N THR C 201 18.37 -25.76 -30.56
CA THR C 201 17.50 -24.61 -30.91
C THR C 201 16.90 -24.75 -32.35
N ARG C 202 17.65 -25.30 -33.28
CA ARG C 202 17.24 -25.51 -34.65
C ARG C 202 15.98 -26.38 -34.74
N TRP C 203 15.80 -27.34 -33.86
CA TRP C 203 14.62 -28.16 -33.89
C TRP C 203 13.33 -27.36 -33.61
N TYR C 204 13.44 -26.18 -32.99
CA TYR C 204 12.26 -25.40 -32.54
C TYR C 204 12.12 -24.17 -33.46
N ARG C 205 13.01 -24.07 -34.45
CA ARG C 205 13.20 -22.82 -35.19
C ARG C 205 12.16 -22.76 -36.32
N ALA C 206 11.49 -21.60 -36.44
CA ALA C 206 10.41 -21.45 -37.42
C ALA C 206 10.98 -21.25 -38.83
N PRO C 207 10.22 -21.67 -39.84
CA PRO C 207 10.74 -21.71 -41.18
C PRO C 207 11.20 -20.34 -41.70
N GLU C 208 10.49 -19.25 -41.38
CA GLU C 208 10.95 -17.93 -41.83
C GLU C 208 12.38 -17.68 -41.33
N LEU C 209 12.72 -18.16 -40.13
CA LEU C 209 14.09 -17.95 -39.58
C LEU C 209 15.06 -18.85 -40.31
N LEU C 210 14.68 -20.10 -40.50
CA LEU C 210 15.55 -21.04 -41.18
C LEU C 210 15.93 -20.47 -42.57
N PHE C 211 14.96 -19.84 -43.21
CA PHE C 211 15.18 -19.23 -44.51
C PHE C 211 15.79 -17.82 -44.39
N GLY C 212 16.10 -17.34 -43.18
CA GLY C 212 16.96 -16.18 -43.03
C GLY C 212 16.22 -14.85 -43.07
N ALA C 213 14.96 -14.84 -42.65
CA ALA C 213 14.20 -13.61 -42.58
C ALA C 213 14.86 -12.65 -41.57
N ARG C 214 14.89 -11.35 -41.85
CA ARG C 214 15.51 -10.42 -40.92
C ARG C 214 14.42 -9.67 -40.15
N MET C 215 13.16 -9.85 -40.53
CA MET C 215 12.05 -9.30 -39.77
C MET C 215 11.11 -10.46 -39.40
N TYR C 216 10.74 -10.50 -38.12
CA TYR C 216 10.01 -11.63 -37.57
C TYR C 216 9.24 -11.13 -36.36
N GLY C 217 8.28 -11.90 -35.91
CA GLY C 217 7.45 -11.52 -34.78
C GLY C 217 7.02 -12.73 -33.98
N VAL C 218 5.82 -12.68 -33.43
CA VAL C 218 5.33 -13.65 -32.47
C VAL C 218 5.32 -15.05 -33.10
N GLY C 219 5.19 -15.18 -34.41
CA GLY C 219 5.14 -16.52 -34.99
C GLY C 219 6.32 -17.40 -34.63
N VAL C 220 7.43 -16.76 -34.35
CA VAL C 220 8.65 -17.47 -34.02
C VAL C 220 8.45 -18.23 -32.70
N ASP C 221 7.85 -17.60 -31.71
CA ASP C 221 7.62 -18.26 -30.45
C ASP C 221 6.47 -19.26 -30.62
N MET C 222 5.51 -18.93 -31.47
CA MET C 222 4.35 -19.81 -31.58
C MET C 222 4.69 -21.11 -32.32
N TRP C 223 5.58 -21.03 -33.27
CA TRP C 223 6.04 -22.25 -33.95
C TRP C 223 6.65 -23.20 -32.92
N ALA C 224 7.54 -22.61 -32.09
CA ALA C 224 8.28 -23.35 -31.07
C ALA C 224 7.31 -23.98 -30.07
N VAL C 225 6.26 -23.28 -29.73
CA VAL C 225 5.23 -23.88 -28.91
C VAL C 225 4.58 -25.08 -29.63
N GLY C 226 4.47 -25.06 -30.95
CA GLY C 226 3.91 -26.22 -31.64
C GLY C 226 4.85 -27.42 -31.53
N CYS C 227 6.14 -27.18 -31.73
CA CYS C 227 7.15 -28.21 -31.56
C CYS C 227 7.13 -28.79 -30.14
N ILE C 228 6.93 -27.95 -29.12
CA ILE C 228 6.89 -28.42 -27.73
C ILE C 228 5.65 -29.28 -27.48
N LEU C 229 4.51 -28.87 -28.01
CA LEU C 229 3.29 -29.64 -27.86
C LEU C 229 3.46 -31.02 -28.52
N ALA C 230 4.11 -31.03 -29.68
CA ALA C 230 4.36 -32.22 -30.44
C ALA C 230 5.27 -33.16 -29.66
N GLU C 231 6.26 -32.59 -29.01
CA GLU C 231 7.16 -33.33 -28.12
C GLU C 231 6.40 -33.89 -26.91
N LEU C 232 5.50 -33.12 -26.31
CA LEU C 232 4.70 -33.65 -25.22
C LEU C 232 3.88 -34.85 -25.70
N LEU C 233 3.36 -34.81 -26.92
CA LEU C 233 2.51 -35.92 -27.42
C LEU C 233 3.34 -37.16 -27.80
N LEU C 234 4.45 -36.95 -28.50
CA LEU C 234 5.23 -38.06 -29.04
C LEU C 234 6.31 -38.51 -28.06
N ARG C 235 6.68 -37.63 -27.12
CA ARG C 235 7.73 -37.86 -26.11
C ARG C 235 9.11 -37.95 -26.79
N VAL C 236 9.25 -37.39 -27.98
CA VAL C 236 10.56 -37.26 -28.59
C VAL C 236 10.51 -35.96 -29.37
N PRO C 237 11.65 -35.36 -29.68
CA PRO C 237 11.70 -34.18 -30.55
C PRO C 237 10.93 -34.43 -31.85
N PHE C 238 10.16 -33.43 -32.29
CA PHE C 238 9.26 -33.62 -33.40
C PHE C 238 10.05 -33.55 -34.71
N LEU C 239 10.84 -32.48 -34.88
CA LEU C 239 11.61 -32.31 -36.12
C LEU C 239 13.13 -32.21 -35.82
N PRO C 240 13.77 -33.30 -35.47
CA PRO C 240 15.21 -33.17 -35.10
C PRO C 240 16.22 -33.03 -36.24
N GLY C 241 16.19 -31.87 -36.92
CA GLY C 241 17.08 -31.67 -38.06
C GLY C 241 18.53 -31.46 -37.62
N ASP C 242 19.47 -31.90 -38.43
CA ASP C 242 20.85 -31.75 -38.13
C ASP C 242 21.55 -30.61 -38.88
N SER C 243 20.81 -29.85 -39.68
CA SER C 243 21.32 -28.64 -40.31
C SER C 243 20.11 -27.77 -40.68
N ASP C 244 20.34 -26.53 -41.11
CA ASP C 244 19.24 -25.65 -41.53
C ASP C 244 18.45 -26.27 -42.70
N LEU C 245 19.18 -26.88 -43.61
CA LEU C 245 18.56 -27.49 -44.76
C LEU C 245 17.79 -28.74 -44.30
N ASP C 246 18.44 -29.63 -43.54
CA ASP C 246 17.77 -30.84 -43.06
C ASP C 246 16.48 -30.48 -42.28
N GLN C 247 16.51 -29.38 -41.55
CA GLN C 247 15.44 -29.01 -40.69
C GLN C 247 14.26 -28.56 -41.55
N LEU C 248 14.57 -27.85 -42.63
CA LEU C 248 13.54 -27.41 -43.55
C LEU C 248 12.96 -28.61 -44.31
N THR C 249 13.83 -29.53 -44.70
CA THR C 249 13.39 -30.80 -45.32
C THR C 249 12.45 -31.56 -44.40
N ARG C 250 12.73 -31.58 -43.10
CA ARG C 250 11.92 -32.39 -42.21
C ARG C 250 10.53 -31.75 -42.07
N ILE C 251 10.53 -30.41 -42.03
CA ILE C 251 9.32 -29.61 -41.86
C ILE C 251 8.38 -29.82 -43.05
N PHE C 252 8.94 -29.86 -44.24
CA PHE C 252 8.15 -29.89 -45.47
C PHE C 252 7.70 -31.31 -45.80
N GLU C 253 8.54 -32.30 -45.51
CA GLU C 253 8.18 -33.68 -45.73
C GLU C 253 7.16 -34.10 -44.65
N THR C 254 7.08 -33.39 -43.52
CA THR C 254 6.07 -33.71 -42.47
C THR C 254 4.77 -32.95 -42.69
N LEU C 255 4.87 -31.68 -43.04
CA LEU C 255 3.72 -30.79 -43.00
C LEU C 255 3.37 -30.29 -44.40
N GLY C 256 4.07 -30.76 -45.43
CA GLY C 256 3.75 -30.40 -46.82
C GLY C 256 4.61 -29.24 -47.30
N THR C 257 4.93 -29.21 -48.59
CA THR C 257 5.61 -28.03 -49.12
C THR C 257 4.52 -26.97 -49.37
N PRO C 258 4.70 -25.77 -48.79
CA PRO C 258 3.72 -24.70 -48.94
C PRO C 258 3.65 -24.12 -50.37
N THR C 259 2.42 -23.79 -50.80
CA THR C 259 2.15 -23.11 -52.09
C THR C 259 2.45 -21.61 -51.94
N GLU C 260 2.00 -20.80 -52.89
CA GLU C 260 2.06 -19.34 -52.68
C GLU C 260 0.79 -18.86 -51.92
N GLU C 261 -0.33 -19.57 -52.11
CA GLU C 261 -1.59 -19.29 -51.39
C GLU C 261 -1.43 -19.58 -49.88
N GLN C 262 -0.61 -20.56 -49.55
CA GLN C 262 -0.38 -20.88 -48.16
C GLN C 262 0.57 -19.85 -47.55
N TRP C 263 1.68 -19.58 -48.22
CA TRP C 263 2.69 -18.67 -47.71
C TRP C 263 3.05 -17.63 -48.78
N PRO C 264 2.48 -16.38 -48.69
CA PRO C 264 2.51 -15.39 -49.79
C PRO C 264 3.93 -15.15 -50.33
N ASP C 265 4.84 -14.65 -49.49
CA ASP C 265 6.11 -14.13 -49.99
C ASP C 265 7.30 -15.08 -49.78
N MET C 266 7.00 -16.36 -49.54
CA MET C 266 8.03 -17.33 -49.22
C MET C 266 9.22 -17.20 -50.17
N CYS C 267 9.00 -16.89 -51.44
CA CYS C 267 10.08 -16.88 -52.47
C CYS C 267 11.08 -15.73 -52.32
N SER C 268 10.71 -14.69 -51.58
CA SER C 268 11.55 -13.52 -51.49
C SER C 268 12.44 -13.62 -50.24
N LEU C 269 12.27 -14.70 -49.45
CA LEU C 269 13.13 -14.90 -48.27
C LEU C 269 14.60 -14.85 -48.73
N PRO C 270 15.48 -14.31 -47.88
CA PRO C 270 16.92 -14.20 -48.21
C PRO C 270 17.61 -15.50 -48.68
N ASP C 271 17.33 -16.60 -47.99
CA ASP C 271 17.93 -17.89 -48.29
C ASP C 271 16.91 -18.85 -48.92
N TYR C 272 15.87 -18.34 -49.56
CA TYR C 272 14.95 -19.25 -50.23
C TYR C 272 15.69 -20.08 -51.28
N VAL C 273 15.40 -21.37 -51.28
CA VAL C 273 15.84 -22.27 -52.32
C VAL C 273 14.66 -23.22 -52.57
N THR C 274 14.46 -23.65 -53.82
CA THR C 274 13.30 -24.49 -54.13
C THR C 274 13.46 -25.89 -53.55
N PHE C 275 12.35 -26.36 -52.98
CA PHE C 275 12.24 -27.67 -52.39
C PHE C 275 11.34 -28.57 -53.24
N LYS C 276 11.64 -29.87 -53.26
CA LYS C 276 10.75 -30.86 -53.86
C LYS C 276 9.36 -30.68 -53.24
N SER C 277 8.35 -31.07 -54.00
CA SER C 277 6.97 -30.84 -53.67
C SER C 277 6.43 -31.97 -52.77
N PHE C 278 6.55 -31.81 -51.46
CA PHE C 278 6.13 -32.85 -50.53
C PHE C 278 4.63 -32.67 -50.25
N PRO C 279 3.86 -33.75 -50.26
CA PRO C 279 2.47 -33.61 -49.83
C PRO C 279 2.38 -33.48 -48.31
N GLY C 280 3.34 -34.06 -47.60
CA GLY C 280 3.28 -34.04 -46.16
C GLY C 280 2.24 -35.02 -45.63
N ILE C 281 1.93 -34.92 -44.34
CA ILE C 281 1.33 -36.02 -43.65
C ILE C 281 0.22 -35.51 -42.73
N PRO C 282 -1.00 -36.06 -42.93
CA PRO C 282 -2.15 -35.72 -42.10
C PRO C 282 -1.78 -35.69 -40.62
N LEU C 283 -2.16 -34.62 -39.94
CA LEU C 283 -1.91 -34.50 -38.54
C LEU C 283 -2.55 -35.70 -37.83
N HIS C 284 -3.66 -36.20 -38.32
CA HIS C 284 -4.27 -37.33 -37.66
C HIS C 284 -3.29 -38.51 -37.60
N HIS C 285 -2.52 -38.70 -38.66
CA HIS C 285 -1.62 -39.87 -38.79
C HIS C 285 -0.34 -39.71 -37.95
N ILE C 286 0.04 -38.49 -37.57
CA ILE C 286 1.28 -38.24 -36.79
C ILE C 286 1.02 -38.34 -35.28
N PHE C 287 -0.08 -37.69 -34.87
CA PHE C 287 -0.51 -37.62 -33.50
C PHE C 287 -1.77 -38.46 -33.36
N SER C 288 -1.60 -39.76 -33.16
CA SER C 288 -2.75 -40.67 -33.24
C SER C 288 -3.63 -40.52 -31.99
N ALA C 289 -3.10 -39.94 -30.92
CA ALA C 289 -3.84 -39.75 -29.67
C ALA C 289 -4.72 -38.50 -29.70
N ALA C 290 -4.49 -37.58 -30.66
CA ALA C 290 -5.09 -36.22 -30.58
C ALA C 290 -6.58 -36.23 -30.96
N GLY C 291 -7.38 -35.50 -30.17
CA GLY C 291 -8.75 -35.16 -30.53
C GLY C 291 -8.79 -34.07 -31.60
N ASP C 292 -9.95 -33.87 -32.20
CA ASP C 292 -10.15 -32.82 -33.18
C ASP C 292 -9.80 -31.43 -32.60
N ASP C 293 -10.15 -31.21 -31.33
CA ASP C 293 -9.96 -29.93 -30.70
C ASP C 293 -8.47 -29.65 -30.68
N LEU C 294 -7.68 -30.69 -30.39
CA LEU C 294 -6.28 -30.54 -30.19
C LEU C 294 -5.60 -30.46 -31.54
N LEU C 295 -6.06 -31.25 -32.50
CA LEU C 295 -5.46 -31.21 -33.85
C LEU C 295 -5.66 -29.82 -34.45
N ASP C 296 -6.76 -29.15 -34.12
CA ASP C 296 -7.00 -27.77 -34.58
C ASP C 296 -5.93 -26.82 -34.04
N LEU C 297 -5.63 -26.90 -32.74
CA LEU C 297 -4.60 -26.06 -32.10
C LEU C 297 -3.26 -26.25 -32.82
N ILE C 298 -2.92 -27.51 -33.04
CA ILE C 298 -1.63 -27.88 -33.61
C ILE C 298 -1.51 -27.28 -35.01
N GLN C 299 -2.60 -27.34 -35.80
CA GLN C 299 -2.62 -26.83 -37.15
C GLN C 299 -2.33 -25.33 -37.16
N GLY C 300 -2.97 -24.62 -36.27
CA GLY C 300 -2.76 -23.19 -36.15
C GLY C 300 -1.33 -22.81 -35.75
N LEU C 301 -0.69 -23.59 -34.87
CA LEU C 301 0.65 -23.23 -34.43
C LEU C 301 1.64 -23.40 -35.57
N PHE C 302 1.28 -24.23 -36.56
CA PHE C 302 2.21 -24.70 -37.56
C PHE C 302 1.90 -24.13 -38.94
N LEU C 303 0.95 -23.21 -39.04
CA LEU C 303 0.75 -22.54 -40.31
C LEU C 303 2.08 -21.91 -40.74
N PHE C 304 2.33 -22.00 -42.04
CA PHE C 304 3.59 -21.57 -42.61
C PHE C 304 3.69 -20.05 -42.65
N ASN C 305 2.60 -19.37 -43.00
CA ASN C 305 2.53 -17.92 -43.05
C ASN C 305 2.64 -17.34 -41.64
N PRO C 306 3.76 -16.72 -41.31
CA PRO C 306 3.87 -16.29 -39.94
C PRO C 306 2.84 -15.24 -39.49
N CYS C 307 1.99 -14.73 -40.37
CA CYS C 307 0.89 -13.79 -40.00
C CYS C 307 -0.39 -14.55 -39.68
N ALA C 308 -0.67 -15.59 -40.43
CA ALA C 308 -1.80 -16.45 -40.15
C ALA C 308 -1.60 -17.25 -38.85
N ARG C 309 -0.37 -17.75 -38.63
CA ARG C 309 -0.05 -18.52 -37.44
C ARG C 309 -0.74 -17.87 -36.25
N ILE C 310 -1.42 -18.68 -35.45
CA ILE C 310 -2.21 -18.11 -34.37
C ILE C 310 -1.29 -17.55 -33.29
N THR C 311 -1.84 -16.53 -32.65
CA THR C 311 -1.22 -15.85 -31.54
C THR C 311 -1.56 -16.61 -30.26
N ALA C 312 -0.90 -16.23 -29.16
CA ALA C 312 -1.12 -16.87 -27.90
C ALA C 312 -2.56 -16.62 -27.41
N THR C 313 -3.02 -15.39 -27.57
CA THR C 313 -4.38 -15.04 -27.15
C THR C 313 -5.38 -15.93 -27.90
N GLN C 314 -5.17 -16.11 -29.19
CA GLN C 314 -6.09 -16.87 -30.07
C GLN C 314 -6.14 -18.33 -29.61
N ALA C 315 -4.95 -18.82 -29.25
CA ALA C 315 -4.77 -20.19 -28.91
C ALA C 315 -5.47 -20.48 -27.58
N LEU C 316 -5.46 -19.51 -26.65
CA LEU C 316 -5.99 -19.73 -25.31
C LEU C 316 -7.52 -19.75 -25.39
N LYS C 317 -8.08 -19.06 -26.38
CA LYS C 317 -9.52 -19.04 -26.60
C LYS C 317 -9.97 -20.25 -27.41
N MET C 318 -9.07 -21.06 -27.96
CA MET C 318 -9.48 -22.26 -28.71
C MET C 318 -10.32 -23.18 -27.80
N LYS C 319 -11.18 -23.96 -28.43
CA LYS C 319 -12.09 -24.82 -27.69
C LYS C 319 -11.31 -25.94 -26.97
N TYR C 320 -10.16 -26.39 -27.47
CA TYR C 320 -9.25 -27.33 -26.70
C TYR C 320 -9.19 -26.95 -25.21
N PHE C 321 -9.05 -25.68 -24.89
CA PHE C 321 -8.86 -25.29 -23.48
C PHE C 321 -10.17 -25.19 -22.71
N SER C 322 -11.32 -24.93 -23.36
CA SER C 322 -12.62 -24.94 -22.65
C SER C 322 -13.26 -26.34 -22.67
N ASN C 323 -12.89 -27.21 -23.62
CA ASN C 323 -13.43 -28.58 -23.71
C ASN C 323 -12.94 -29.45 -22.55
N ARG C 324 -13.76 -30.43 -22.20
CA ARG C 324 -13.41 -31.50 -21.28
C ARG C 324 -12.33 -32.35 -21.94
N PRO C 325 -11.36 -32.87 -21.18
CA PRO C 325 -11.24 -32.73 -19.74
C PRO C 325 -10.39 -31.53 -19.30
N GLY C 326 -10.64 -31.06 -18.09
CA GLY C 326 -9.97 -29.90 -17.54
C GLY C 326 -8.48 -30.13 -17.37
N PRO C 327 -7.72 -29.03 -17.29
CA PRO C 327 -6.29 -29.11 -17.02
C PRO C 327 -6.01 -29.68 -15.62
N THR C 328 -5.05 -30.58 -15.52
CA THR C 328 -4.59 -31.13 -14.22
C THR C 328 -4.15 -29.97 -13.32
N PRO C 329 -4.75 -29.88 -12.11
CA PRO C 329 -4.29 -28.89 -11.12
C PRO C 329 -2.79 -29.06 -10.86
N GLY C 330 -2.07 -27.94 -10.69
CA GLY C 330 -0.62 -27.92 -10.52
C GLY C 330 -0.10 -28.96 -9.53
N CYS C 331 -0.70 -29.02 -8.33
CA CYS C 331 -0.19 -29.91 -7.30
C CYS C 331 -0.41 -31.40 -7.65
N GLN C 332 -1.12 -31.71 -8.75
CA GLN C 332 -1.32 -33.11 -9.21
C GLN C 332 -0.35 -33.45 -10.36
N LEU C 333 0.46 -32.51 -10.82
CA LEU C 333 1.32 -32.79 -11.96
C LEU C 333 2.50 -33.64 -11.53
N PRO C 334 2.88 -34.62 -12.35
CA PRO C 334 3.86 -35.66 -12.05
C PRO C 334 5.28 -35.09 -11.91
N ARG C 335 6.02 -35.64 -10.95
CA ARG C 335 7.33 -35.12 -10.57
C ARG C 335 8.37 -36.25 -10.72
N PRO C 336 9.54 -35.94 -11.28
CA PRO C 336 10.65 -36.91 -11.32
C PRO C 336 11.25 -37.21 -9.93
N ASN C 337 11.03 -36.32 -8.97
CA ASN C 337 11.24 -36.67 -7.55
C ASN C 337 10.49 -35.68 -6.65
N ALA D 35 -13.54 35.22 -32.50
CA ALA D 35 -14.23 36.53 -32.19
C ALA D 35 -15.10 36.94 -33.39
N LYS D 36 -14.39 37.21 -34.49
CA LYS D 36 -14.87 37.91 -35.69
C LYS D 36 -15.51 36.93 -36.68
N ARG D 37 -15.64 35.65 -36.30
CA ARG D 37 -16.20 34.61 -37.16
C ARG D 37 -17.64 34.30 -36.75
N TYR D 38 -18.14 35.05 -35.77
CA TYR D 38 -19.55 34.93 -35.32
C TYR D 38 -20.23 36.30 -35.53
N GLU D 39 -21.38 36.32 -36.20
CA GLU D 39 -22.22 37.52 -36.27
C GLU D 39 -23.29 37.40 -35.21
N LYS D 40 -23.41 38.41 -34.35
CA LYS D 40 -24.45 38.44 -33.33
C LYS D 40 -25.75 38.90 -33.97
N LEU D 41 -26.82 38.15 -33.74
CA LEU D 41 -28.13 38.40 -34.36
C LEU D 41 -29.07 39.06 -33.33
N ASP D 42 -29.06 38.57 -32.09
CA ASP D 42 -30.01 39.00 -31.04
C ASP D 42 -29.43 38.84 -29.61
N PHE D 43 -29.69 39.83 -28.75
CA PHE D 43 -29.45 39.75 -27.30
C PHE D 43 -30.65 39.06 -26.66
N LEU D 44 -30.45 37.81 -26.25
CA LEU D 44 -31.54 36.91 -25.86
C LEU D 44 -31.94 37.12 -24.40
N GLY D 45 -30.94 37.30 -23.56
CA GLY D 45 -31.16 37.39 -22.14
C GLY D 45 -29.86 37.46 -21.36
N GLU D 46 -30.02 37.58 -20.05
CA GLU D 46 -28.94 37.82 -19.10
C GLU D 46 -29.27 37.00 -17.86
N GLY D 47 -28.42 36.07 -17.51
CA GLY D 47 -28.47 35.47 -16.18
C GLY D 47 -27.59 36.23 -15.21
N GLN D 48 -27.02 35.48 -14.27
CA GLN D 48 -26.31 36.05 -13.16
C GLN D 48 -24.90 36.47 -13.59
N PHE D 49 -24.29 35.71 -14.48
CA PHE D 49 -22.87 35.91 -14.77
C PHE D 49 -22.59 36.08 -16.27
N ALA D 50 -23.63 36.19 -17.12
CA ALA D 50 -23.39 36.18 -18.58
C ALA D 50 -24.51 36.87 -19.37
N THR D 51 -24.11 37.63 -20.38
CA THR D 51 -25.05 38.03 -21.41
C THR D 51 -25.06 36.94 -22.49
N VAL D 52 -26.25 36.49 -22.90
CA VAL D 52 -26.41 35.46 -23.93
C VAL D 52 -26.93 36.10 -25.21
N TYR D 53 -26.20 35.85 -26.31
CA TYR D 53 -26.52 36.33 -27.65
C TYR D 53 -26.82 35.14 -28.59
N LYS D 54 -27.79 35.30 -29.47
CA LYS D 54 -27.97 34.37 -30.57
C LYS D 54 -27.06 34.84 -31.71
N ALA D 55 -26.34 33.92 -32.35
CA ALA D 55 -25.34 34.30 -33.34
C ALA D 55 -25.26 33.30 -34.49
N ARG D 56 -24.64 33.77 -35.57
CA ARG D 56 -24.38 33.00 -36.79
C ARG D 56 -22.88 32.68 -36.85
N ASP D 57 -22.56 31.43 -37.12
CA ASP D 57 -21.16 31.06 -37.39
C ASP D 57 -20.89 31.27 -38.88
N LYS D 58 -19.98 32.18 -39.20
CA LYS D 58 -19.75 32.58 -40.60
C LYS D 58 -19.01 31.48 -41.38
N ASN D 59 -18.48 30.44 -40.72
CA ASN D 59 -17.83 29.33 -41.40
C ASN D 59 -18.88 28.37 -41.97
N THR D 60 -19.90 28.06 -41.17
CA THR D 60 -20.82 26.95 -41.43
C THR D 60 -22.28 27.41 -41.58
N ASN D 61 -22.56 28.71 -41.43
CA ASN D 61 -23.93 29.26 -41.47
C ASN D 61 -24.81 28.66 -40.37
N GLN D 62 -24.19 28.06 -39.37
CA GLN D 62 -24.94 27.41 -38.33
C GLN D 62 -25.18 28.45 -37.24
N ILE D 63 -26.35 28.35 -36.62
CA ILE D 63 -26.74 29.25 -35.59
C ILE D 63 -26.32 28.65 -34.24
N VAL D 64 -25.88 29.53 -33.34
CA VAL D 64 -25.28 29.14 -32.06
C VAL D 64 -25.73 30.13 -30.97
N ALA D 65 -25.42 29.80 -29.72
CA ALA D 65 -25.63 30.68 -28.57
C ALA D 65 -24.27 31.12 -28.03
N ILE D 66 -24.11 32.40 -27.69
CA ILE D 66 -22.84 32.89 -27.19
C ILE D 66 -23.03 33.52 -25.81
N LYS D 67 -22.38 32.99 -24.79
CA LYS D 67 -22.37 33.65 -23.46
C LYS D 67 -21.16 34.58 -23.34
N LYS D 68 -21.41 35.86 -23.19
CA LYS D 68 -20.37 36.82 -22.90
C LYS D 68 -20.37 37.08 -21.38
N ILE D 69 -19.18 37.20 -20.77
CA ILE D 69 -19.05 37.32 -19.30
C ILE D 69 -18.52 38.72 -18.92
N THR D 84 -8.18 28.71 -12.02
CA THR D 84 -8.65 29.35 -13.23
C THR D 84 -9.86 28.57 -13.74
N ALA D 85 -10.64 29.24 -14.60
CA ALA D 85 -11.78 28.66 -15.29
C ALA D 85 -11.32 27.99 -16.59
N LEU D 86 -10.05 28.18 -17.00
CA LEU D 86 -9.50 27.52 -18.18
C LEU D 86 -9.72 26.01 -18.07
N ARG D 87 -9.66 25.48 -16.85
CA ARG D 87 -9.75 24.04 -16.64
C ARG D 87 -11.19 23.59 -16.77
N GLU D 88 -12.08 24.44 -16.28
CA GLU D 88 -13.52 24.17 -16.30
C GLU D 88 -14.05 24.24 -17.75
N ILE D 89 -13.45 25.06 -18.61
CA ILE D 89 -13.80 25.06 -20.03
C ILE D 89 -13.47 23.69 -20.62
N LYS D 90 -12.20 23.28 -20.51
CA LYS D 90 -11.68 22.07 -21.16
C LYS D 90 -12.51 20.86 -20.74
N LEU D 91 -12.88 20.77 -19.48
CA LEU D 91 -13.70 19.67 -19.05
C LEU D 91 -15.05 19.65 -19.81
N LEU D 92 -15.74 20.79 -19.94
CA LEU D 92 -17.07 20.76 -20.62
C LEU D 92 -16.85 20.37 -22.08
N GLN D 93 -15.79 20.88 -22.69
CA GLN D 93 -15.51 20.60 -24.09
C GLN D 93 -15.36 19.09 -24.27
N GLU D 94 -14.60 18.46 -23.37
CA GLU D 94 -14.31 17.02 -23.42
C GLU D 94 -15.59 16.17 -23.30
N LEU D 95 -16.55 16.59 -22.49
CA LEU D 95 -17.77 15.80 -22.34
C LEU D 95 -18.51 15.72 -23.69
N SER D 96 -19.02 14.53 -23.94
CA SER D 96 -19.83 14.26 -25.11
C SER D 96 -20.95 13.28 -24.71
N HIS D 97 -22.17 13.82 -24.68
CA HIS D 97 -23.35 13.00 -24.51
C HIS D 97 -24.54 13.74 -25.12
N PRO D 98 -25.46 13.03 -25.77
CA PRO D 98 -26.57 13.77 -26.38
C PRO D 98 -27.40 14.61 -25.38
N ASN D 99 -27.43 14.29 -24.10
CA ASN D 99 -28.29 15.07 -23.24
C ASN D 99 -27.45 16.00 -22.32
N ILE D 100 -26.30 16.45 -22.83
CA ILE D 100 -25.44 17.44 -22.19
C ILE D 100 -25.11 18.53 -23.21
N ILE D 101 -25.26 19.81 -22.86
CA ILE D 101 -24.98 20.88 -23.80
C ILE D 101 -23.55 20.73 -24.36
N GLY D 102 -23.40 20.83 -25.68
CA GLY D 102 -22.07 20.96 -26.31
C GLY D 102 -21.53 22.38 -26.20
N LEU D 103 -20.31 22.50 -25.68
CA LEU D 103 -19.51 23.74 -25.81
C LEU D 103 -18.62 23.63 -27.05
N LEU D 104 -18.93 24.41 -28.09
CA LEU D 104 -18.27 24.31 -29.40
C LEU D 104 -17.00 25.17 -29.50
N ASP D 105 -16.81 26.17 -28.63
CA ASP D 105 -15.70 27.12 -28.84
C ASP D 105 -15.63 28.10 -27.67
N ALA D 106 -14.51 28.82 -27.57
CA ALA D 106 -14.32 29.80 -26.50
C ALA D 106 -13.17 30.74 -26.85
N PHE D 107 -13.23 32.00 -26.44
CA PHE D 107 -12.17 32.94 -26.84
C PHE D 107 -12.16 34.22 -25.98
N GLY D 108 -11.06 34.96 -26.11
CA GLY D 108 -10.87 36.30 -25.55
C GLY D 108 -9.96 37.12 -26.44
N SER D 111 -10.18 40.62 -21.42
CA SER D 111 -11.01 41.22 -20.37
C SER D 111 -12.44 40.64 -20.40
N ASN D 112 -12.93 40.25 -21.58
CA ASN D 112 -14.22 39.55 -21.69
C ASN D 112 -14.07 38.21 -22.40
N ILE D 113 -14.82 37.23 -21.91
CA ILE D 113 -14.74 35.84 -22.37
C ILE D 113 -16.05 35.46 -23.08
N SER D 114 -15.92 34.81 -24.23
CA SER D 114 -17.07 34.30 -24.96
C SER D 114 -17.05 32.77 -24.97
N LEU D 115 -18.17 32.13 -24.63
CA LEU D 115 -18.33 30.67 -24.79
C LEU D 115 -19.43 30.37 -25.81
N VAL D 116 -19.16 29.47 -26.75
CA VAL D 116 -20.09 29.19 -27.83
C VAL D 116 -20.75 27.83 -27.59
N PHE D 117 -22.08 27.83 -27.47
CA PHE D 117 -22.87 26.62 -27.22
C PHE D 117 -23.83 26.34 -28.37
N ASP D 118 -24.33 25.11 -28.42
CA ASP D 118 -25.46 24.73 -29.27
C ASP D 118 -26.57 25.77 -29.02
N PHE D 119 -27.19 26.30 -30.06
CA PHE D 119 -28.36 27.15 -29.84
C PHE D 119 -29.53 26.25 -29.41
N MET D 120 -30.16 26.59 -28.29
CA MET D 120 -31.31 25.86 -27.80
C MET D 120 -32.51 26.80 -27.78
N GLU D 121 -33.54 26.41 -28.54
CA GLU D 121 -34.82 27.12 -28.73
C GLU D 121 -35.49 27.54 -27.42
N THR D 122 -35.83 26.58 -26.54
CA THR D 122 -36.39 26.92 -25.21
C THR D 122 -35.74 26.09 -24.11
N ASP D 123 -36.44 26.05 -22.99
CA ASP D 123 -36.07 25.28 -21.81
C ASP D 123 -37.34 24.74 -21.15
N LEU D 124 -37.18 23.92 -20.13
CA LEU D 124 -38.31 23.23 -19.50
C LEU D 124 -39.12 24.21 -18.65
N GLU D 125 -38.52 25.31 -18.19
CA GLU D 125 -39.28 26.32 -17.47
C GLU D 125 -40.31 26.97 -18.41
N VAL D 126 -39.92 27.26 -19.63
CA VAL D 126 -40.86 27.93 -20.52
C VAL D 126 -42.05 26.99 -20.75
N ILE D 127 -41.72 25.72 -20.88
CA ILE D 127 -42.71 24.70 -21.19
C ILE D 127 -43.63 24.49 -20.00
N ILE D 128 -43.08 24.40 -18.80
CA ILE D 128 -43.90 24.23 -17.63
C ILE D 128 -44.86 25.44 -17.52
N LYS D 129 -44.37 26.65 -17.82
CA LYS D 129 -45.18 27.89 -17.62
C LYS D 129 -46.19 28.10 -18.75
N ASP D 130 -46.08 27.37 -19.86
CA ASP D 130 -46.92 27.63 -21.03
C ASP D 130 -48.27 26.92 -20.93
N ASN D 131 -49.29 27.69 -20.57
CA ASN D 131 -50.67 27.25 -20.37
C ASN D 131 -51.21 26.52 -21.62
N SER D 132 -50.87 27.01 -22.79
CA SER D 132 -51.33 26.41 -24.02
C SER D 132 -50.64 25.06 -24.33
N LEU D 133 -49.90 24.42 -23.41
CA LEU D 133 -49.27 23.11 -23.71
C LEU D 133 -49.66 22.07 -22.65
N VAL D 134 -50.19 20.94 -23.11
CA VAL D 134 -50.59 19.87 -22.18
C VAL D 134 -49.40 18.93 -22.02
N LEU D 135 -49.06 18.54 -20.78
CA LEU D 135 -47.97 17.55 -20.54
C LEU D 135 -48.57 16.19 -20.14
N THR D 136 -48.80 15.40 -21.15
CA THR D 136 -49.27 14.02 -20.98
C THR D 136 -48.22 13.19 -20.26
N PRO D 137 -48.64 12.14 -19.53
CA PRO D 137 -47.66 11.22 -18.93
C PRO D 137 -46.51 10.80 -19.86
N SER D 138 -46.79 10.67 -21.17
CA SER D 138 -45.75 10.30 -22.14
C SER D 138 -44.72 11.42 -22.32
N HIS D 139 -45.17 12.67 -22.36
CA HIS D 139 -44.21 13.80 -22.48
C HIS D 139 -43.32 13.85 -21.22
N ILE D 140 -43.92 13.64 -20.06
CA ILE D 140 -43.20 13.82 -18.78
C ILE D 140 -42.10 12.75 -18.70
N LYS D 141 -42.40 11.56 -19.21
CA LYS D 141 -41.48 10.43 -19.17
C LYS D 141 -40.32 10.73 -20.13
N ALA D 142 -40.62 11.28 -21.30
CA ALA D 142 -39.57 11.61 -22.25
C ALA D 142 -38.59 12.56 -21.59
N TYR D 143 -39.12 13.60 -20.95
CA TYR D 143 -38.28 14.65 -20.41
C TYR D 143 -37.44 14.06 -19.26
N MET D 144 -38.05 13.20 -18.46
CA MET D 144 -37.36 12.62 -17.29
C MET D 144 -36.26 11.68 -17.75
N LEU D 145 -36.58 10.90 -18.77
CA LEU D 145 -35.66 9.93 -19.30
C LEU D 145 -34.41 10.62 -19.85
N MET D 146 -34.59 11.71 -20.62
CA MET D 146 -33.41 12.39 -21.18
C MET D 146 -32.65 13.11 -20.04
N THR D 147 -33.35 13.70 -19.08
CA THR D 147 -32.68 14.33 -17.93
C THR D 147 -31.77 13.30 -17.23
N LEU D 148 -32.32 12.14 -16.84
CA LEU D 148 -31.61 11.16 -16.07
C LEU D 148 -30.45 10.53 -16.85
N GLN D 149 -30.57 10.46 -18.18
CA GLN D 149 -29.52 9.96 -19.04
C GLN D 149 -28.33 10.91 -19.01
N GLY D 150 -28.55 12.21 -19.20
CA GLY D 150 -27.48 13.20 -19.05
C GLY D 150 -26.85 13.18 -17.67
N LEU D 151 -27.67 13.08 -16.66
CA LEU D 151 -27.20 13.09 -15.28
C LEU D 151 -26.45 11.79 -14.96
N GLU D 152 -26.89 10.67 -15.53
CA GLU D 152 -26.21 9.43 -15.27
C GLU D 152 -24.79 9.55 -15.83
N TYR D 153 -24.62 10.20 -16.96
CA TYR D 153 -23.31 10.32 -17.61
C TYR D 153 -22.39 11.27 -16.82
N LEU D 154 -22.92 12.39 -16.32
CA LEU D 154 -22.11 13.29 -15.48
C LEU D 154 -21.64 12.55 -14.22
N HIS D 155 -22.58 12.01 -13.48
CA HIS D 155 -22.24 11.25 -12.30
C HIS D 155 -21.21 10.17 -12.59
N GLN D 156 -21.42 9.33 -13.61
CA GLN D 156 -20.47 8.28 -13.97
C GLN D 156 -19.06 8.89 -14.16
N HIS D 157 -18.96 10.10 -14.67
CA HIS D 157 -17.67 10.78 -14.79
C HIS D 157 -17.28 11.63 -13.55
N TRP D 158 -17.88 11.44 -12.37
CA TRP D 158 -17.40 12.07 -11.10
C TRP D 158 -17.62 13.58 -11.20
N ILE D 159 -18.71 13.95 -11.85
CA ILE D 159 -19.13 15.30 -11.95
C ILE D 159 -20.56 15.41 -11.39
N LEU D 160 -20.78 16.41 -10.49
CA LEU D 160 -22.12 16.83 -10.02
C LEU D 160 -22.59 18.03 -10.83
N HIS D 161 -23.91 18.17 -11.02
CA HIS D 161 -24.42 19.30 -11.74
C HIS D 161 -24.47 20.51 -10.81
N ARG D 162 -25.18 20.35 -9.69
CA ARG D 162 -25.25 21.31 -8.61
C ARG D 162 -26.25 22.42 -8.95
N ASP D 163 -26.77 22.49 -10.16
CA ASP D 163 -27.67 23.61 -10.47
C ASP D 163 -28.90 23.16 -11.28
N LEU D 164 -29.49 22.03 -10.91
CA LEU D 164 -30.58 21.53 -11.73
C LEU D 164 -31.87 22.28 -11.34
N LYS D 165 -32.45 22.91 -12.33
CA LYS D 165 -33.74 23.47 -12.24
C LYS D 165 -34.25 23.56 -13.68
N PRO D 166 -35.57 23.66 -13.85
CA PRO D 166 -36.11 23.52 -15.20
C PRO D 166 -35.47 24.48 -16.23
N ASN D 167 -35.03 25.69 -15.87
CA ASN D 167 -34.49 26.61 -16.87
C ASN D 167 -33.09 26.16 -17.31
N ASN D 168 -32.45 25.21 -16.61
CA ASN D 168 -31.18 24.66 -17.07
C ASN D 168 -31.41 23.30 -17.75
N LEU D 169 -32.66 22.90 -17.98
CA LEU D 169 -32.88 21.76 -18.88
C LEU D 169 -33.36 22.31 -20.22
N LEU D 170 -32.50 22.24 -21.24
CA LEU D 170 -32.68 22.98 -22.48
C LEU D 170 -33.24 22.05 -23.55
N LEU D 171 -34.06 22.60 -24.43
CA LEU D 171 -34.59 21.82 -25.57
C LEU D 171 -34.30 22.52 -26.90
N ASP D 172 -33.83 21.73 -27.87
CA ASP D 172 -33.60 22.20 -29.22
C ASP D 172 -34.85 21.97 -30.08
N GLU D 173 -34.74 22.21 -31.36
CA GLU D 173 -35.91 22.23 -32.24
C GLU D 173 -36.49 20.82 -32.38
N ASN D 174 -35.69 19.78 -32.10
CA ASN D 174 -36.13 18.38 -32.33
C ASN D 174 -36.54 17.71 -31.02
N GLY D 175 -36.75 18.50 -29.99
CA GLY D 175 -37.06 17.96 -28.68
C GLY D 175 -35.93 17.09 -28.12
N VAL D 176 -34.67 17.48 -28.28
CA VAL D 176 -33.62 16.90 -27.44
C VAL D 176 -33.38 17.81 -26.23
N LEU D 177 -33.55 17.24 -25.03
CA LEU D 177 -33.26 17.92 -23.76
C LEU D 177 -31.76 17.77 -23.45
N LYS D 178 -31.14 18.87 -23.05
CA LYS D 178 -29.72 18.88 -22.72
C LYS D 178 -29.50 19.60 -21.39
N LEU D 179 -28.73 19.00 -20.47
CA LEU D 179 -28.35 19.69 -19.23
C LEU D 179 -27.44 20.85 -19.64
N ALA D 180 -27.63 22.01 -19.04
CA ALA D 180 -26.87 23.16 -19.44
C ALA D 180 -26.07 23.65 -18.24
N ASP D 181 -25.40 24.79 -18.39
CA ASP D 181 -24.81 25.51 -17.24
C ASP D 181 -23.82 24.54 -16.55
N PHE D 182 -24.09 24.25 -15.29
CA PHE D 182 -23.27 23.45 -14.34
C PHE D 182 -21.87 24.06 -14.22
N GLY D 183 -21.57 24.55 -13.01
CA GLY D 183 -20.34 25.32 -12.73
C GLY D 183 -20.38 26.69 -13.37
N LEU D 184 -19.19 27.21 -13.70
CA LEU D 184 -19.02 28.31 -14.67
C LEU D 184 -19.45 29.67 -14.09
N ALA D 185 -19.61 29.74 -12.77
CA ALA D 185 -19.52 30.99 -12.02
C ALA D 185 -18.05 31.23 -11.63
N LYS D 186 -17.12 30.96 -12.56
CA LYS D 186 -15.69 30.79 -12.23
C LYS D 186 -14.93 32.11 -12.37
N SER D 187 -15.33 32.92 -13.34
CA SER D 187 -14.86 34.30 -13.49
C SER D 187 -16.01 35.26 -13.12
N PHE D 188 -15.81 36.12 -12.10
CA PHE D 188 -16.91 36.83 -11.39
C PHE D 188 -18.10 37.06 -12.33
N VAL D 199 -31.96 32.09 -4.50
CA VAL D 199 -33.19 32.85 -4.29
C VAL D 199 -34.38 32.16 -4.99
N VAL D 200 -34.09 31.46 -6.08
CA VAL D 200 -34.97 30.48 -6.69
C VAL D 200 -34.32 29.10 -6.52
N THR D 201 -32.98 29.04 -6.54
CA THR D 201 -32.31 27.74 -6.49
C THR D 201 -32.69 27.04 -5.18
N ARG D 202 -33.00 27.79 -4.14
CA ARG D 202 -33.44 27.20 -2.89
C ARG D 202 -34.58 26.17 -3.08
N TRP D 203 -35.47 26.39 -4.03
CA TRP D 203 -36.63 25.57 -4.17
C TRP D 203 -36.21 24.13 -4.48
N TYR D 204 -35.01 23.97 -5.06
CA TYR D 204 -34.54 22.68 -5.61
C TYR D 204 -33.44 22.07 -4.73
N ARG D 205 -33.16 22.70 -3.60
CA ARG D 205 -32.02 22.36 -2.74
C ARG D 205 -32.42 21.26 -1.74
N ALA D 206 -31.64 20.18 -1.72
CA ALA D 206 -31.80 19.04 -0.80
C ALA D 206 -31.64 19.44 0.67
N PRO D 207 -32.30 18.72 1.56
CA PRO D 207 -32.34 19.15 2.91
C PRO D 207 -30.94 19.16 3.55
N GLU D 208 -30.01 18.30 3.08
CA GLU D 208 -28.68 18.24 3.74
C GLU D 208 -27.95 19.54 3.44
N LEU D 209 -28.16 20.10 2.26
CA LEU D 209 -27.61 21.44 1.91
C LEU D 209 -28.29 22.55 2.72
N LEU D 210 -29.61 22.49 2.89
CA LEU D 210 -30.33 23.49 3.64
C LEU D 210 -29.87 23.46 5.10
N PHE D 211 -29.57 22.29 5.63
CA PHE D 211 -29.05 22.17 6.99
C PHE D 211 -27.52 22.36 7.05
N GLY D 212 -26.84 22.73 5.96
CA GLY D 212 -25.48 23.31 6.06
C GLY D 212 -24.33 22.31 5.87
N ALA D 213 -24.62 21.13 5.34
CA ALA D 213 -23.67 20.13 4.94
C ALA D 213 -22.61 20.74 4.01
N ARG D 214 -21.33 20.56 4.31
CA ARG D 214 -20.27 20.96 3.36
C ARG D 214 -19.79 19.74 2.55
N MET D 215 -20.34 18.59 2.83
CA MET D 215 -19.95 17.33 2.25
C MET D 215 -21.19 16.74 1.62
N TYR D 216 -21.18 16.48 0.33
CA TYR D 216 -22.38 16.06 -0.36
C TYR D 216 -22.07 15.33 -1.68
N GLY D 217 -23.09 14.81 -2.32
CA GLY D 217 -22.92 13.85 -3.39
C GLY D 217 -24.06 13.86 -4.38
N VAL D 218 -24.24 12.75 -5.07
CA VAL D 218 -25.20 12.65 -6.16
C VAL D 218 -26.60 12.96 -5.63
N GLY D 219 -26.85 12.68 -4.34
CA GLY D 219 -28.14 13.01 -3.70
C GLY D 219 -28.61 14.42 -4.01
N VAL D 220 -27.67 15.33 -4.12
CA VAL D 220 -28.03 16.73 -4.32
C VAL D 220 -28.71 16.88 -5.70
N ASP D 221 -28.23 16.14 -6.66
CA ASP D 221 -28.75 16.25 -8.00
C ASP D 221 -30.11 15.50 -8.06
N MET D 222 -30.19 14.37 -7.40
CA MET D 222 -31.40 13.56 -7.47
C MET D 222 -32.60 14.24 -6.79
N TRP D 223 -32.41 14.91 -5.64
CA TRP D 223 -33.46 15.74 -5.02
C TRP D 223 -34.00 16.78 -6.01
N ALA D 224 -33.11 17.48 -6.66
CA ALA D 224 -33.50 18.55 -7.55
C ALA D 224 -34.35 17.98 -8.69
N VAL D 225 -33.93 16.85 -9.25
CA VAL D 225 -34.73 16.10 -10.22
C VAL D 225 -36.10 15.72 -9.66
N GLY D 226 -36.19 15.27 -8.40
CA GLY D 226 -37.48 15.11 -7.73
C GLY D 226 -38.32 16.38 -7.80
N CYS D 227 -37.75 17.51 -7.40
CA CYS D 227 -38.41 18.82 -7.50
C CYS D 227 -38.84 19.13 -8.95
N ILE D 228 -38.00 18.85 -9.93
CA ILE D 228 -38.31 19.13 -11.33
C ILE D 228 -39.47 18.24 -11.80
N LEU D 229 -39.44 16.94 -11.47
CA LEU D 229 -40.53 16.02 -11.75
C LEU D 229 -41.84 16.52 -11.13
N ALA D 230 -41.77 16.92 -9.87
CA ALA D 230 -42.95 17.43 -9.19
C ALA D 230 -43.46 18.68 -9.92
N GLU D 231 -42.55 19.48 -10.48
CA GLU D 231 -42.96 20.73 -11.15
C GLU D 231 -43.67 20.42 -12.46
N LEU D 232 -43.19 19.40 -13.18
CA LEU D 232 -43.83 18.96 -14.40
C LEU D 232 -45.24 18.44 -14.11
N LEU D 233 -45.45 17.78 -12.96
CA LEU D 233 -46.76 17.22 -12.59
C LEU D 233 -47.76 18.29 -12.11
N LEU D 234 -47.30 19.21 -11.29
CA LEU D 234 -48.23 20.20 -10.71
C LEU D 234 -48.29 21.49 -11.54
N ARG D 235 -47.40 21.62 -12.55
CA ARG D 235 -47.15 22.82 -13.37
C ARG D 235 -46.81 24.04 -12.49
N VAL D 236 -46.42 23.86 -11.24
CA VAL D 236 -46.01 25.00 -10.42
C VAL D 236 -44.84 24.52 -9.58
N PRO D 237 -43.98 25.43 -9.14
CA PRO D 237 -42.91 24.99 -8.29
C PRO D 237 -43.52 24.19 -7.12
N PHE D 238 -42.91 23.08 -6.78
CA PHE D 238 -43.41 22.16 -5.76
C PHE D 238 -43.24 22.75 -4.36
N LEU D 239 -42.07 23.33 -4.05
CA LEU D 239 -41.75 23.81 -2.68
C LEU D 239 -41.16 25.23 -2.71
N PRO D 240 -41.96 26.20 -3.01
CA PRO D 240 -41.39 27.53 -3.23
C PRO D 240 -41.02 28.29 -1.96
N GLY D 241 -40.02 27.87 -1.20
CA GLY D 241 -39.73 28.55 0.11
C GLY D 241 -39.02 29.89 -0.04
N ASP D 242 -39.26 30.80 0.88
CA ASP D 242 -38.69 32.15 0.73
C ASP D 242 -37.52 32.40 1.67
N SER D 243 -37.04 31.36 2.33
CA SER D 243 -35.79 31.37 3.14
C SER D 243 -35.38 29.92 3.42
N ASP D 244 -34.21 29.70 3.97
CA ASP D 244 -33.74 28.36 4.24
C ASP D 244 -34.62 27.63 5.23
N LEU D 245 -35.11 28.32 6.24
CA LEU D 245 -35.98 27.70 7.24
C LEU D 245 -37.40 27.48 6.68
N ASP D 246 -37.94 28.42 5.91
CA ASP D 246 -39.21 28.21 5.24
C ASP D 246 -39.13 27.04 4.26
N GLN D 247 -37.99 26.88 3.60
CA GLN D 247 -37.84 25.82 2.63
C GLN D 247 -37.93 24.47 3.37
N LEU D 248 -37.25 24.35 4.51
CA LEU D 248 -37.23 23.09 5.24
C LEU D 248 -38.62 22.85 5.82
N THR D 249 -39.24 23.91 6.32
CA THR D 249 -40.60 23.80 6.86
C THR D 249 -41.54 23.21 5.78
N ARG D 250 -41.34 23.59 4.53
CA ARG D 250 -42.24 23.14 3.50
C ARG D 250 -41.93 21.69 3.17
N ILE D 251 -40.67 21.36 3.04
CA ILE D 251 -40.23 19.98 2.82
C ILE D 251 -40.79 19.06 3.91
N PHE D 252 -40.73 19.44 5.17
CA PHE D 252 -41.15 18.54 6.23
C PHE D 252 -42.70 18.54 6.36
N GLU D 253 -43.40 19.66 6.25
CA GLU D 253 -44.86 19.64 6.38
C GLU D 253 -45.51 18.83 5.23
N THR D 254 -44.79 18.56 4.14
CA THR D 254 -45.33 17.91 2.94
C THR D 254 -44.90 16.45 2.87
N LEU D 255 -43.61 16.19 3.10
CA LEU D 255 -43.06 14.87 3.00
C LEU D 255 -42.83 14.27 4.38
N GLY D 256 -43.09 15.02 5.44
CA GLY D 256 -42.93 14.49 6.80
C GLY D 256 -41.59 14.83 7.43
N THR D 257 -41.57 15.02 8.74
CA THR D 257 -40.31 15.19 9.43
C THR D 257 -39.63 13.83 9.52
N PRO D 258 -38.38 13.76 9.04
CA PRO D 258 -37.59 12.56 9.00
C PRO D 258 -37.39 12.03 10.42
N THR D 259 -37.55 10.71 10.58
CA THR D 259 -37.30 9.97 11.83
C THR D 259 -35.80 9.66 11.96
N GLU D 260 -35.40 9.01 13.07
CA GLU D 260 -34.00 8.61 13.25
C GLU D 260 -33.72 7.41 12.33
N GLU D 261 -34.65 6.47 12.24
CA GLU D 261 -34.46 5.33 11.32
C GLU D 261 -34.29 5.87 9.88
N GLN D 262 -35.12 6.83 9.50
CA GLN D 262 -35.15 7.33 8.16
C GLN D 262 -33.85 8.12 7.85
N TRP D 263 -33.25 8.74 8.83
CA TRP D 263 -32.05 9.56 8.58
C TRP D 263 -31.21 9.72 9.87
N PRO D 264 -30.44 8.69 10.26
CA PRO D 264 -29.77 8.71 11.60
C PRO D 264 -28.77 9.86 11.82
N ASP D 265 -28.13 10.32 10.75
CA ASP D 265 -27.12 11.36 10.88
C ASP D 265 -27.60 12.81 10.73
N MET D 266 -28.92 13.02 10.65
CA MET D 266 -29.51 14.34 10.46
C MET D 266 -29.10 15.28 11.59
N CYS D 267 -29.04 14.74 12.82
CA CYS D 267 -28.76 15.54 14.00
C CYS D 267 -27.35 16.16 13.96
N SER D 268 -26.47 15.54 13.19
CA SER D 268 -25.12 16.01 13.08
C SER D 268 -24.98 17.17 12.10
N LEU D 269 -26.00 17.51 11.31
CA LEU D 269 -25.74 18.52 10.29
C LEU D 269 -25.36 19.82 11.00
N PRO D 270 -24.55 20.63 10.33
CA PRO D 270 -24.07 21.89 10.91
C PRO D 270 -25.16 22.82 11.48
N ASP D 271 -26.21 23.11 10.72
CA ASP D 271 -27.28 23.94 11.20
C ASP D 271 -28.51 23.14 11.58
N TYR D 272 -28.37 21.88 11.91
CA TYR D 272 -29.51 21.09 12.32
C TYR D 272 -30.25 21.85 13.40
N VAL D 273 -31.56 21.91 13.30
CA VAL D 273 -32.39 22.37 14.40
C VAL D 273 -33.57 21.38 14.50
N THR D 274 -34.10 21.22 15.71
CA THR D 274 -35.18 20.26 15.97
C THR D 274 -36.49 20.86 15.46
N PHE D 275 -37.14 20.16 14.53
CA PHE D 275 -38.44 20.61 13.92
C PHE D 275 -39.61 19.90 14.62
N LYS D 276 -40.80 20.53 14.56
CA LYS D 276 -42.02 19.82 14.99
C LYS D 276 -42.25 18.62 14.08
N SER D 277 -42.76 17.56 14.68
CA SER D 277 -42.79 16.25 14.06
C SER D 277 -44.01 16.09 13.12
N PHE D 278 -43.93 16.64 11.91
CA PHE D 278 -45.05 16.58 10.92
C PHE D 278 -45.19 15.15 10.36
N PRO D 279 -46.42 14.64 10.26
CA PRO D 279 -46.60 13.27 9.73
C PRO D 279 -46.36 13.13 8.21
N GLY D 280 -46.58 14.21 7.45
CA GLY D 280 -46.38 14.18 6.01
C GLY D 280 -47.66 13.82 5.25
N ILE D 281 -47.62 13.96 3.94
CA ILE D 281 -48.79 13.71 3.08
C ILE D 281 -48.48 12.57 2.10
N PRO D 282 -49.36 11.59 2.04
CA PRO D 282 -49.07 10.50 1.14
C PRO D 282 -48.87 11.07 -0.26
N LEU D 283 -47.94 10.52 -1.01
CA LEU D 283 -47.62 11.05 -2.32
C LEU D 283 -48.81 10.93 -3.27
N HIS D 284 -49.70 9.97 -3.03
CA HIS D 284 -50.88 9.80 -3.86
C HIS D 284 -51.81 11.03 -3.74
N HIS D 285 -51.88 11.67 -2.58
CA HIS D 285 -52.69 12.87 -2.40
C HIS D 285 -51.96 14.10 -2.95
N ILE D 286 -50.65 14.14 -2.92
CA ILE D 286 -49.93 15.30 -3.42
C ILE D 286 -50.05 15.35 -4.95
N PHE D 287 -49.75 14.23 -5.61
CA PHE D 287 -49.76 14.07 -7.10
C PHE D 287 -50.90 13.11 -7.44
N SER D 288 -52.10 13.69 -7.46
CA SER D 288 -53.35 12.96 -7.63
C SER D 288 -53.37 12.15 -8.95
N ALA D 289 -52.63 12.55 -9.98
CA ALA D 289 -52.68 11.87 -11.29
C ALA D 289 -51.37 11.15 -11.62
N ALA D 290 -50.62 10.66 -10.62
CA ALA D 290 -49.50 9.73 -10.88
C ALA D 290 -49.94 8.29 -10.59
N GLY D 291 -49.61 7.36 -11.47
CA GLY D 291 -49.80 5.93 -11.17
C GLY D 291 -48.67 5.43 -10.27
N ASP D 292 -48.82 4.20 -9.73
CA ASP D 292 -47.92 3.59 -8.75
C ASP D 292 -46.44 3.61 -9.14
N ASP D 293 -46.17 3.31 -10.41
CA ASP D 293 -44.81 3.24 -10.93
C ASP D 293 -44.07 4.59 -10.70
N LEU D 294 -44.78 5.66 -10.99
CA LEU D 294 -44.24 6.98 -10.95
C LEU D 294 -44.13 7.43 -9.49
N LEU D 295 -45.12 7.08 -8.65
CA LEU D 295 -45.03 7.35 -7.22
C LEU D 295 -43.79 6.66 -6.65
N ASP D 296 -43.49 5.42 -7.04
CA ASP D 296 -42.29 4.75 -6.57
C ASP D 296 -41.06 5.58 -6.88
N LEU D 297 -41.02 6.10 -8.12
CA LEU D 297 -39.89 6.90 -8.57
C LEU D 297 -39.82 8.19 -7.73
N ILE D 298 -40.94 8.88 -7.56
CA ILE D 298 -40.91 10.13 -6.81
C ILE D 298 -40.39 9.87 -5.39
N GLN D 299 -40.85 8.78 -4.79
CA GLN D 299 -40.50 8.42 -3.45
C GLN D 299 -39.00 8.20 -3.37
N GLY D 300 -38.44 7.47 -4.32
CA GLY D 300 -36.99 7.23 -4.40
C GLY D 300 -36.19 8.53 -4.44
N LEU D 301 -36.70 9.55 -5.10
CA LEU D 301 -35.93 10.77 -5.29
C LEU D 301 -35.97 11.65 -4.03
N PHE D 302 -37.02 11.51 -3.20
CA PHE D 302 -37.24 12.39 -2.04
C PHE D 302 -36.90 11.69 -0.70
N LEU D 303 -36.21 10.55 -0.73
CA LEU D 303 -35.74 9.97 0.50
C LEU D 303 -34.81 10.99 1.19
N PHE D 304 -35.02 11.15 2.47
CA PHE D 304 -34.29 12.17 3.20
C PHE D 304 -32.80 11.82 3.29
N ASN D 305 -32.48 10.53 3.45
CA ASN D 305 -31.10 10.16 3.63
C ASN D 305 -30.37 10.21 2.29
N PRO D 306 -29.47 11.17 2.15
CA PRO D 306 -28.82 11.24 0.84
C PRO D 306 -28.05 9.99 0.40
N CYS D 307 -27.74 9.08 1.32
CA CYS D 307 -27.13 7.80 0.93
C CYS D 307 -28.19 6.84 0.38
N ALA D 308 -29.41 6.87 0.89
CA ALA D 308 -30.46 5.95 0.44
C ALA D 308 -31.16 6.47 -0.84
N ARG D 309 -31.07 7.76 -1.08
CA ARG D 309 -31.76 8.41 -2.18
C ARG D 309 -31.38 7.69 -3.48
N ILE D 310 -32.31 7.58 -4.40
CA ILE D 310 -32.13 6.72 -5.55
C ILE D 310 -31.09 7.38 -6.46
N THR D 311 -30.20 6.63 -7.09
CA THR D 311 -29.22 7.19 -8.07
C THR D 311 -29.86 7.30 -9.45
N ALA D 312 -29.13 7.89 -10.42
CA ALA D 312 -29.65 8.10 -11.76
C ALA D 312 -29.88 6.76 -12.43
N THR D 313 -28.92 5.87 -12.24
CA THR D 313 -28.96 4.54 -12.81
C THR D 313 -30.16 3.76 -12.24
N GLN D 314 -30.27 3.75 -10.93
CA GLN D 314 -31.41 3.14 -10.29
C GLN D 314 -32.71 3.70 -10.87
N ALA D 315 -32.82 5.01 -10.98
CA ALA D 315 -34.04 5.61 -11.44
C ALA D 315 -34.38 5.09 -12.84
N LEU D 316 -33.36 4.92 -13.68
CA LEU D 316 -33.53 4.47 -15.07
C LEU D 316 -33.92 2.99 -15.16
N LYS D 317 -33.68 2.15 -14.14
CA LYS D 317 -34.12 0.73 -14.10
C LYS D 317 -35.51 0.58 -13.47
N MET D 318 -36.14 1.67 -13.06
CA MET D 318 -37.48 1.59 -12.48
C MET D 318 -38.45 1.17 -13.60
N LYS D 319 -39.53 0.52 -13.19
CA LYS D 319 -40.55 0.04 -14.09
C LYS D 319 -41.25 1.22 -14.76
N TYR D 320 -41.26 2.38 -14.13
CA TYR D 320 -41.85 3.54 -14.79
C TYR D 320 -41.32 3.67 -16.21
N PHE D 321 -40.05 3.46 -16.39
CA PHE D 321 -39.48 3.66 -17.70
C PHE D 321 -39.77 2.50 -18.63
N SER D 322 -39.90 1.27 -18.14
CA SER D 322 -40.13 0.09 -19.00
C SER D 322 -41.63 -0.21 -19.16
N ASN D 323 -42.49 0.37 -18.33
CA ASN D 323 -43.94 0.30 -18.54
C ASN D 323 -44.34 1.18 -19.73
N ARG D 324 -45.36 0.72 -20.45
CA ARG D 324 -46.12 1.58 -21.37
C ARG D 324 -46.99 2.50 -20.51
N PRO D 325 -47.45 3.62 -21.04
CA PRO D 325 -47.07 4.14 -22.34
C PRO D 325 -45.58 4.51 -22.47
N GLY D 326 -45.09 4.48 -23.69
CA GLY D 326 -43.71 4.81 -23.94
C GLY D 326 -43.49 6.31 -23.92
N PRO D 327 -42.23 6.74 -23.77
CA PRO D 327 -41.90 8.15 -23.88
C PRO D 327 -42.16 8.71 -25.29
N THR D 328 -42.71 9.92 -25.29
CA THR D 328 -42.91 10.69 -26.50
C THR D 328 -41.58 10.92 -27.22
N PRO D 329 -41.48 10.57 -28.52
CA PRO D 329 -40.35 10.92 -29.40
C PRO D 329 -40.12 12.44 -29.47
N GLY D 330 -38.88 12.86 -29.63
CA GLY D 330 -38.51 14.29 -29.58
C GLY D 330 -39.32 15.18 -30.53
N CYS D 331 -39.63 14.69 -31.73
CA CYS D 331 -40.22 15.55 -32.76
C CYS D 331 -41.67 15.90 -32.38
N GLN D 332 -42.29 15.05 -31.56
CA GLN D 332 -43.69 15.21 -31.15
C GLN D 332 -43.80 15.82 -29.75
N LEU D 333 -42.74 16.38 -29.18
CA LEU D 333 -42.88 17.03 -27.89
C LEU D 333 -43.44 18.45 -28.08
N PRO D 334 -44.31 18.86 -27.17
CA PRO D 334 -44.95 20.17 -27.27
C PRO D 334 -43.92 21.30 -27.33
N ARG D 335 -44.16 22.24 -28.24
CA ARG D 335 -43.23 23.34 -28.50
C ARG D 335 -43.95 24.70 -28.40
N PRO D 336 -43.42 25.65 -27.60
CA PRO D 336 -43.90 27.06 -27.57
C PRO D 336 -43.86 27.71 -28.97
N ASN D 337 -44.74 28.67 -29.27
CA ASN D 337 -45.01 29.03 -30.67
C ASN D 337 -43.72 29.44 -31.38
PG ANP E . 36.89 -16.91 30.78
O1G ANP E . 36.74 -18.27 30.14
O2G ANP E . 38.03 -16.15 30.16
O3G ANP E . 36.91 -16.91 32.30
PB ANP E . 35.24 -14.35 30.38
O1B ANP E . 33.81 -14.07 29.98
O2B ANP E . 35.75 -13.78 31.69
N3B ANP E . 35.42 -16.08 30.35
PA ANP E . 36.52 -14.31 27.80
O1A ANP E . 35.43 -13.87 26.87
O2A ANP E . 36.97 -15.74 27.88
O3A ANP E . 36.27 -13.75 29.29
O5' ANP E . 37.85 -13.47 27.49
C5' ANP E . 37.80 -12.06 27.48
C4' ANP E . 38.54 -11.50 26.27
O4' ANP E . 38.74 -12.50 25.26
C3' ANP E . 37.70 -10.38 25.66
O3' ANP E . 38.58 -9.31 25.33
C2' ANP E . 37.06 -11.08 24.48
O2' ANP E . 36.77 -10.20 23.41
C1' ANP E . 38.10 -12.09 24.06
N9 ANP E . 37.55 -13.28 23.38
C8 ANP E . 37.08 -14.39 23.97
N7 ANP E . 36.66 -15.29 23.04
C5 ANP E . 36.86 -14.75 21.83
C6 ANP E . 36.65 -15.16 20.42
N6 ANP E . 36.11 -16.36 20.11
N1 ANP E . 37.01 -14.28 19.46
C2 ANP E . 37.55 -13.07 19.76
N3 ANP E . 37.76 -12.64 21.02
C4 ANP E . 37.45 -13.42 22.06
HNB1 ANP E . 34.63 -16.64 30.07
H5'1 ANP E . 38.26 -11.68 28.39
H5'2 ANP E . 36.75 -11.73 27.48
H4' ANP E . 39.50 -11.09 26.60
H3' ANP E . 36.93 -10.04 26.36
HO3' ANP E . 39.06 -9.07 26.09
H2' ANP E . 36.15 -11.59 24.80
HO2' ANP E . 36.25 -9.47 23.81
H1' ANP E . 38.82 -11.59 23.40
H8 ANP E . 37.04 -14.55 25.03
HN61 ANP E . 35.84 -17.00 20.84
HN62 ANP E . 35.97 -16.61 19.14
H2 ANP E . 37.81 -12.42 18.94
MG MG F . 33.57 -14.88 27.81
C1 GOL G . -23.20 10.55 7.09
O1 GOL G . -23.65 10.91 5.77
C2 GOL G . -21.75 11.02 7.29
O2 GOL G . -21.52 12.28 6.63
C3 GOL G . -21.45 11.13 8.78
O3 GOL G . -22.35 12.05 9.42
PG ANP H . -2.80 31.05 4.99
O1G ANP H . -1.75 31.98 5.54
O2G ANP H . -2.77 30.98 3.48
O3G ANP H . -4.16 31.23 5.64
PB ANP H . -0.69 28.89 5.41
O1B ANP H . -0.72 27.44 5.82
O2B ANP H . -0.04 29.35 4.13
N3B ANP H . -2.35 29.45 5.52
PA ANP H . -0.36 29.99 8.02
O1A ANP H . -0.97 28.75 8.64
O2A ANP H . -1.15 31.29 7.96
O3A ANP H . 0.16 29.69 6.52
O5' ANP H . 1.06 30.28 8.74
C5' ANP H . 1.81 31.49 8.58
C4' ANP H . 2.62 31.73 9.86
O4' ANP H . 1.74 31.92 10.97
C3' ANP H . 3.49 30.54 10.22
O3' ANP H . 4.78 31.04 10.61
C2' ANP H . 2.76 29.84 11.35
O2' ANP H . 3.64 29.16 12.25
C1' ANP H . 1.96 30.95 12.02
N9 ANP H . 0.63 30.55 12.57
C8 ANP H . -0.48 30.19 11.89
N7 ANP H . -1.53 29.89 12.71
C5 ANP H . -1.08 30.06 13.97
C6 ANP H . -1.66 29.93 15.32
N6 ANP H . -2.94 29.53 15.50
N1 ANP H . -0.87 30.20 16.37
C2 ANP H . 0.41 30.58 16.21
N3 ANP H . 1.00 30.73 15.01
C4 ANP H . 0.31 30.50 13.87
HNB1 ANP H . -3.05 28.83 5.89
H5'1 ANP H . 1.15 32.34 8.39
H5'2 ANP H . 2.49 31.40 7.73
H4' ANP H . 3.25 32.62 9.72
H3' ANP H . 3.58 29.87 9.35
HO3' ANP H . 5.02 31.60 9.99
H2' ANP H . 2.05 29.12 10.92
HO2' ANP H . 4.12 28.58 11.81
H1' ANP H . 2.57 31.39 12.81
H8 ANP H . -0.54 30.15 10.81
HN61 ANP H . -3.52 29.33 14.70
HN62 ANP H . -3.32 29.44 16.43
H2 ANP H . 1.00 30.79 17.09
MG MG I . -1.71 26.71 7.94
C1 GOL J . 12.31 -7.97 -36.12
O1 GOL J . 11.12 -7.76 -36.91
C2 GOL J . 12.08 -7.72 -34.61
O2 GOL J . 10.90 -8.36 -34.07
C3 GOL J . 13.32 -8.18 -33.88
O3 GOL J . 14.47 -7.71 -34.60
PG ANP K . 22.61 -20.24 -20.36
O1G ANP K . 23.41 -21.26 -19.60
O2G ANP K . 23.26 -19.81 -21.66
O3G ANP K . 22.17 -19.13 -19.44
PB ANP K . 21.03 -22.67 -21.34
O1B ANP K . 19.67 -22.87 -22.03
O2B ANP K . 22.29 -22.91 -22.13
N3B ANP K . 21.10 -21.01 -20.79
PA ANP K . 20.69 -23.08 -18.50
O1A ANP K . 19.35 -22.38 -18.48
O2A ANP K . 21.90 -22.29 -18.04
O3A ANP K . 21.07 -23.61 -20.00
O5' ANP K . 20.58 -24.42 -17.62
C5' ANP K . 21.74 -24.88 -16.90
C4' ANP K . 21.42 -25.74 -15.68
O4' ANP K . 20.95 -24.97 -14.57
C3' ANP K . 20.38 -26.79 -15.99
O3' ANP K . 20.71 -28.00 -15.30
C2' ANP K . 19.11 -26.21 -15.41
O2' ANP K . 18.20 -27.23 -14.99
C1' ANP K . 19.62 -25.40 -14.23
N9 ANP K . 18.79 -24.20 -13.98
C8 ANP K . 18.70 -23.13 -14.79
N7 ANP K . 17.85 -22.22 -14.28
C5 ANP K . 17.39 -22.71 -13.12
C6 ANP K . 16.45 -22.24 -12.07
N6 ANP K . 15.85 -21.05 -12.18
N1 ANP K . 16.25 -23.05 -11.03
C2 ANP K . 16.85 -24.26 -10.91
N3 ANP K . 17.70 -24.74 -11.82
C4 ANP K . 18.01 -24.02 -12.93
HNB1 ANP K . 20.25 -20.48 -20.71
H5'1 ANP K . 22.34 -24.03 -16.57
H5'2 ANP K . 22.37 -25.46 -17.58
H4' ANP K . 22.35 -26.26 -15.38
H3' ANP K . 20.27 -26.95 -17.07
HO3' ANP K . 21.64 -28.18 -15.56
H2' ANP K . 18.63 -25.55 -16.14
HO2' ANP K . 18.02 -27.74 -15.75
H1' ANP K . 19.65 -26.04 -13.33
H8 ANP K . 19.24 -23.03 -15.72
HN61 ANP K . 16.04 -20.46 -12.99
HN62 ANP K . 15.21 -20.74 -11.46
H2 ANP K . 16.64 -24.86 -10.04
C1 GOL L . -18.30 17.66 -3.90
O1 GOL L . -18.81 16.33 -3.65
C2 GOL L . -17.68 18.31 -2.66
O2 GOL L . -17.69 19.74 -2.80
C3 GOL L . -18.45 17.91 -1.40
O3 GOL L . -18.07 16.58 -1.01
PG ANP M . -27.99 31.60 -14.87
O1G ANP M . -28.84 32.29 -15.91
O2G ANP M . -28.54 30.21 -14.57
O3G ANP M . -27.61 32.47 -13.70
PB ANP M . -25.70 32.29 -16.72
O1B ANP M . -25.11 33.46 -15.99
O2B ANP M . -24.68 31.52 -17.51
N3B ANP M . -26.44 31.20 -15.59
PA ANP M . -28.02 31.65 -18.50
O1A ANP M . -28.49 30.46 -17.68
O2A ANP M . -27.32 31.34 -19.78
O3A ANP M . -27.01 32.68 -17.67
O5' ANP M . -29.40 32.43 -18.82
C5' ANP M . -29.51 33.52 -19.74
C4' ANP M . -30.56 33.35 -20.87
O4' ANP M . -29.97 33.13 -22.16
C3' ANP M . -31.52 32.19 -20.64
O3' ANP M . -32.65 32.63 -19.90
C2' ANP M . -31.90 31.73 -22.02
O2' ANP M . -33.08 32.35 -22.51
C1' ANP M . -30.72 32.14 -22.87
N9 ANP M . -29.87 30.95 -23.15
C8 ANP M . -28.99 30.36 -22.31
N7 ANP M . -28.39 29.30 -22.90
C5 ANP M . -28.89 29.22 -24.15
C6 ANP M . -28.71 28.35 -25.33
N6 ANP M . -27.85 27.31 -25.30
N1 ANP M . -29.44 28.60 -26.43
C2 ANP M . -30.30 29.63 -26.49
N3 ANP M . -30.52 30.46 -25.47
C4 ANP M . -29.86 30.30 -24.31
HNB1 ANP M . -25.98 30.34 -15.35
H5'1 ANP M . -28.53 33.70 -20.18
H5'2 ANP M . -29.77 34.42 -19.19
H4' ANP M . -31.15 34.28 -20.90
H3' ANP M . -31.02 31.37 -20.12
HO3' ANP M . -32.11 32.78 -18.98
H2' ANP M . -32.00 30.64 -22.03
HO2' ANP M . -33.67 32.05 -21.78
H1' ANP M . -31.09 32.57 -23.81
H8 ANP M . -28.80 30.69 -21.30
HN61 ANP M . -27.32 27.13 -24.47
HN62 ANP M . -27.74 26.73 -26.11
H2 ANP M . -30.86 29.79 -27.41
MG MG N . -29.98 28.66 -18.15
#